data_8SND
#
_entry.id   8SND
#
_cell.length_a   1.00
_cell.length_b   1.00
_cell.length_c   1.00
_cell.angle_alpha   90.00
_cell.angle_beta   90.00
_cell.angle_gamma   90.00
#
_symmetry.space_group_name_H-M   'P 1'
#
loop_
_entity.id
_entity.type
_entity.pdbx_description
1 polymer 'Hyaluronan synthase'
2 polymer 'Nanobody 872'
3 polymer 'Nanobody 881'
4 non-polymer 1,2-Distearoyl-sn-glycerophosphoethanolamine
5 non-polymer 2-acetamido-2-deoxy-beta-D-glucopyranose
6 non-polymer "URIDINE-5'-DIPHOSPHATE-GLUCURONIC ACID"
7 non-polymer 'CHOLESTEROL HEMISUCCINATE'
8 non-polymer 'MANGANESE (II) ION'
9 water water
#
loop_
_entity_poly.entity_id
_entity_poly.type
_entity_poly.pdbx_seq_one_letter_code
_entity_poly.pdbx_strand_id
1 'polypeptide(L)'
;MGTSWRTIVSANLFAVGGALLMLAPAIVGYVFQWNIGVSAVWGISVYGVFVLGFYIAQIVFSEFNRMRLSDWISLRPDNW
NATRVAVIIAGYREDPFMFKKCLESVRDSEYGNVARLICVIDGDEEEDLKMAEIYKQVYNDNVKKPGVVLCESENKNGST
IDSDVSKNICILQPHRGKRESLYTGFQLASMDPSVHAVVLIDSDTVLEKNAILEVVYPLSCDPNIKAVAGECKIWNTDTI
LSMLVSWRYFSAFNVERGAQSLWKTVQCVGGPLGAYTIDIINEIKDPWITQTFLGNKCTYGDNRRLTNEVLMRGKKIVYT
PFAVGWSDSPTNVMRYIVQQTRWSKSWCREIWYTLGSAWKHGFSGIYLAFECMYQIMYFFLVMYLFSYIAIKADIRAQTA
TVLVSTLVTIIKSSYLALRAKNLKAFYFVLYTYVYFFCMIPARITAMFTMFDIAWGTRGGNAKMTIGARVWLWAKQFLIT
YMWWAGVLAAGVYSIVDNWYFDWADIQYRFALVGICSYLVFVSIVLVIYLIGKITTWNYTPLQKELIEERYLHNASENAP
EVLEHHHHHHHHHH
;
A
2 'polypeptide(L)'
;QVQLVESGGGLVQAGGSLKVSCAASGRAFKTYRMAWFRQAPGKEREFVSGISALETTYYADSVKGRFTISRDNTKNTVSL
QMDSLKPEDTAVYYCAARRYGGTDYTTTGSYDYWGQGTQVTVSSHHHHHHEPEA
;
B
3 'polypeptide(L)'
;QVQLVESGGGLVQAGGSLRLACAASGRIFSSDTLAWFRRAPGKEREFVAASRWSGGGTDYADSVKGRFTFSRDNTFNTMC
LEMNSLKPEDTAVYYCALRTARDSYYYTRNPTGYDYWGQGTQVTVSSHHHHHHEPEA
;
C
#
# COMPACT_ATOMS: atom_id res chain seq x y z
N SER A 39 -29.33 12.57 13.23
CA SER A 39 -28.68 12.65 11.93
C SER A 39 -27.22 12.21 12.01
N ALA A 40 -26.55 12.59 13.10
CA ALA A 40 -25.15 12.21 13.28
C ALA A 40 -25.01 10.71 13.49
N VAL A 41 -25.95 10.10 14.23
CA VAL A 41 -25.90 8.66 14.46
C VAL A 41 -26.00 7.91 13.13
N TRP A 42 -26.93 8.34 12.26
CA TRP A 42 -27.03 7.74 10.95
C TRP A 42 -25.73 7.86 10.17
N GLY A 43 -25.13 9.06 10.17
CA GLY A 43 -23.89 9.25 9.44
C GLY A 43 -22.78 8.34 9.92
N ILE A 44 -22.57 8.29 11.23
CA ILE A 44 -21.51 7.46 11.80
C ILE A 44 -21.75 5.98 11.55
N SER A 45 -22.98 5.50 11.77
CA SER A 45 -23.27 4.08 11.57
C SER A 45 -23.12 3.69 10.10
N VAL A 46 -23.62 4.53 9.19
CA VAL A 46 -23.52 4.23 7.77
C VAL A 46 -22.07 4.25 7.32
N TYR A 47 -21.28 5.22 7.80
CA TYR A 47 -19.86 5.22 7.45
C TYR A 47 -19.15 3.97 7.93
N GLY A 48 -19.37 3.61 9.21
CA GLY A 48 -18.71 2.44 9.76
C GLY A 48 -19.06 1.16 9.03
N VAL A 49 -20.36 0.97 8.76
CA VAL A 49 -20.78 -0.23 8.04
C VAL A 49 -20.24 -0.21 6.61
N PHE A 50 -20.39 0.92 5.92
CA PHE A 50 -20.00 1.03 4.52
C PHE A 50 -18.50 0.77 4.34
N VAL A 51 -17.71 1.05 5.37
CA VAL A 51 -16.29 0.72 5.30
C VAL A 51 -16.05 -0.74 5.67
N LEU A 52 -16.51 -1.15 6.86
CA LEU A 52 -16.10 -2.43 7.42
C LEU A 52 -16.69 -3.61 6.66
N GLY A 53 -17.96 -3.53 6.26
CA GLY A 53 -18.56 -4.64 5.53
C GLY A 53 -17.88 -4.89 4.20
N PHE A 54 -17.57 -3.82 3.47
CA PHE A 54 -16.87 -3.97 2.21
C PHE A 54 -15.46 -4.51 2.44
N TYR A 55 -14.77 -4.05 3.49
CA TYR A 55 -13.45 -4.58 3.77
C TYR A 55 -13.50 -6.07 4.09
N ILE A 56 -14.50 -6.49 4.86
CA ILE A 56 -14.65 -7.91 5.20
C ILE A 56 -14.96 -8.73 3.95
N ALA A 57 -15.81 -8.21 3.08
CA ALA A 57 -16.10 -8.91 1.82
C ALA A 57 -14.84 -9.05 0.97
N GLN A 58 -14.02 -7.99 0.91
CA GLN A 58 -12.77 -8.06 0.17
C GLN A 58 -11.84 -9.10 0.79
N ILE A 59 -11.80 -9.17 2.12
CA ILE A 59 -10.97 -10.18 2.78
C ILE A 59 -11.43 -11.58 2.40
N VAL A 60 -12.74 -11.81 2.41
CA VAL A 60 -13.28 -13.14 2.08
C VAL A 60 -12.94 -13.51 0.64
N PHE A 61 -13.13 -12.56 -0.28
CA PHE A 61 -12.84 -12.85 -1.68
C PHE A 61 -11.35 -13.08 -1.90
N SER A 62 -10.49 -12.33 -1.20
CA SER A 62 -9.05 -12.55 -1.31
C SER A 62 -8.66 -13.91 -0.76
N GLU A 63 -9.30 -14.35 0.32
CA GLU A 63 -9.05 -15.68 0.85
C GLU A 63 -9.44 -16.76 -0.16
N PHE A 64 -10.59 -16.59 -0.82
CA PHE A 64 -10.99 -17.56 -1.84
C PHE A 64 -9.99 -17.56 -3.00
N ASN A 65 -9.53 -16.38 -3.42
CA ASN A 65 -8.54 -16.32 -4.50
C ASN A 65 -7.23 -17.00 -4.09
N ARG A 66 -6.81 -16.79 -2.85
CA ARG A 66 -5.59 -17.45 -2.37
C ARG A 66 -5.76 -18.97 -2.36
N MET A 67 -6.93 -19.45 -1.94
CA MET A 67 -7.19 -20.89 -1.97
C MET A 67 -7.13 -21.42 -3.39
N ARG A 68 -7.71 -20.70 -4.35
CA ARG A 68 -7.67 -21.14 -5.74
C ARG A 68 -6.24 -21.18 -6.27
N LEU A 69 -5.45 -20.14 -5.95
CA LEU A 69 -4.06 -20.11 -6.39
C LEU A 69 -3.25 -21.25 -5.78
N SER A 70 -3.46 -21.54 -4.50
CA SER A 70 -2.78 -22.66 -3.86
C SER A 70 -3.18 -23.98 -4.49
N ASP A 71 -4.47 -24.14 -4.82
CA ASP A 71 -4.91 -25.36 -5.50
C ASP A 71 -4.25 -25.51 -6.86
N TRP A 72 -4.14 -24.40 -7.60
CA TRP A 72 -3.44 -24.46 -8.89
C TRP A 72 -1.97 -24.83 -8.71
N ILE A 73 -1.31 -24.25 -7.71
CA ILE A 73 0.11 -24.50 -7.49
C ILE A 73 0.34 -25.96 -7.08
N SER A 74 -0.58 -26.52 -6.30
CA SER A 74 -0.39 -27.88 -5.77
C SER A 74 -0.27 -28.91 -6.89
N LEU A 75 -0.80 -28.62 -8.07
CA LEU A 75 -0.73 -29.54 -9.20
C LEU A 75 0.48 -29.30 -10.09
N ARG A 76 1.34 -28.35 -9.75
CA ARG A 76 2.50 -28.06 -10.59
C ARG A 76 3.55 -29.15 -10.40
N PRO A 77 3.98 -29.81 -11.47
CA PRO A 77 5.02 -30.84 -11.32
C PRO A 77 6.37 -30.22 -10.96
N ASP A 78 7.20 -31.03 -10.30
CA ASP A 78 8.54 -30.57 -9.93
C ASP A 78 9.38 -30.35 -11.19
N ASN A 79 10.21 -29.31 -11.15
CA ASN A 79 11.07 -28.91 -12.26
C ASN A 79 10.20 -28.65 -13.51
N TRP A 80 9.39 -27.60 -13.38
CA TRP A 80 8.48 -27.18 -14.43
C TRP A 80 9.05 -25.98 -15.17
N ASN A 81 9.23 -26.12 -16.48
CA ASN A 81 9.71 -25.01 -17.31
C ASN A 81 9.12 -25.20 -18.71
N ALA A 82 7.98 -24.55 -18.94
CA ALA A 82 7.28 -24.63 -20.22
C ALA A 82 7.22 -23.29 -20.92
N THR A 83 6.76 -22.25 -20.23
CA THR A 83 6.68 -20.92 -20.84
C THR A 83 8.07 -20.31 -20.97
N ARG A 84 8.37 -19.82 -22.16
CA ARG A 84 9.62 -19.12 -22.43
C ARG A 84 9.40 -17.63 -22.22
N VAL A 85 10.17 -17.02 -21.33
CA VAL A 85 9.93 -15.66 -20.88
C VAL A 85 11.08 -14.75 -21.30
N ALA A 86 10.74 -13.50 -21.55
CA ALA A 86 11.71 -12.46 -21.86
C ALA A 86 11.60 -11.36 -20.81
N VAL A 87 12.74 -10.95 -20.27
CA VAL A 87 12.79 -9.97 -19.19
C VAL A 87 13.02 -8.58 -19.79
N ILE A 88 12.18 -7.62 -19.40
CA ILE A 88 12.29 -6.25 -19.88
C ILE A 88 12.40 -5.33 -18.68
N ILE A 89 13.47 -4.52 -18.66
CA ILE A 89 13.72 -3.55 -17.61
C ILE A 89 13.91 -2.18 -18.24
N ALA A 90 13.22 -1.18 -17.71
CA ALA A 90 13.31 0.20 -18.19
C ALA A 90 13.73 1.10 -17.04
N GLY A 91 14.77 1.91 -17.27
CA GLY A 91 15.30 2.76 -16.22
C GLY A 91 15.64 4.13 -16.76
N TYR A 92 15.78 5.08 -15.83
CA TYR A 92 16.12 6.46 -16.15
C TYR A 92 16.81 7.10 -14.95
N ARG A 93 18.12 7.29 -15.07
CA ARG A 93 18.94 7.93 -14.03
C ARG A 93 18.69 7.31 -12.65
N GLU A 94 19.00 6.02 -12.56
CA GLU A 94 18.91 5.29 -11.31
C GLU A 94 20.27 5.23 -10.63
N ASP A 95 20.26 5.18 -9.30
CA ASP A 95 21.51 5.11 -8.56
C ASP A 95 22.23 3.81 -8.91
N PRO A 96 23.56 3.85 -9.10
CA PRO A 96 24.27 2.64 -9.54
C PRO A 96 24.14 1.47 -8.60
N PHE A 97 24.10 1.72 -7.29
CA PHE A 97 24.03 0.62 -6.32
C PHE A 97 22.73 -0.17 -6.48
N MET A 98 21.60 0.53 -6.51
CA MET A 98 20.32 -0.16 -6.62
C MET A 98 20.14 -0.81 -7.98
N PHE A 99 20.64 -0.16 -9.03
CA PHE A 99 20.57 -0.77 -10.37
C PHE A 99 21.38 -2.05 -10.42
N LYS A 100 22.58 -2.05 -9.84
CA LYS A 100 23.40 -3.26 -9.79
C LYS A 100 22.73 -4.35 -8.97
N LYS A 101 22.14 -3.98 -7.83
CA LYS A 101 21.44 -4.97 -7.02
C LYS A 101 20.25 -5.57 -7.76
N CYS A 102 19.50 -4.74 -8.48
CA CYS A 102 18.38 -5.24 -9.26
C CYS A 102 18.85 -6.20 -10.35
N LEU A 103 19.92 -5.83 -11.06
CA LEU A 103 20.43 -6.71 -12.11
C LEU A 103 20.92 -8.04 -11.54
N GLU A 104 21.63 -7.99 -10.41
CA GLU A 104 22.13 -9.23 -9.79
C GLU A 104 20.98 -10.09 -9.29
N SER A 105 19.94 -9.49 -8.71
CA SER A 105 18.79 -10.27 -8.26
C SER A 105 18.07 -10.91 -9.44
N VAL A 106 17.98 -10.18 -10.57
CA VAL A 106 17.40 -10.76 -11.78
C VAL A 106 18.24 -11.95 -12.24
N ARG A 107 19.56 -11.81 -12.21
CA ARG A 107 20.43 -12.92 -12.58
C ARG A 107 20.35 -14.08 -11.60
N ASP A 108 19.84 -13.84 -10.39
CA ASP A 108 19.75 -14.88 -9.36
C ASP A 108 18.47 -15.68 -9.45
N SER A 109 17.60 -15.41 -10.43
CA SER A 109 16.33 -16.12 -10.53
C SER A 109 16.58 -17.60 -10.84
N GLU A 110 15.73 -18.45 -10.26
CA GLU A 110 15.85 -19.89 -10.44
C GLU A 110 15.17 -20.40 -11.70
N TYR A 111 14.41 -19.56 -12.40
CA TYR A 111 13.75 -19.99 -13.62
C TYR A 111 14.77 -20.38 -14.68
N GLY A 112 14.56 -21.54 -15.31
CA GLY A 112 15.53 -22.07 -16.25
C GLY A 112 15.23 -21.80 -17.71
N ASN A 113 14.06 -21.22 -17.99
CA ASN A 113 13.64 -20.93 -19.36
C ASN A 113 13.51 -19.42 -19.51
N VAL A 114 14.64 -18.77 -19.80
CA VAL A 114 14.68 -17.33 -20.06
C VAL A 114 15.34 -17.14 -21.42
N ALA A 115 14.60 -16.55 -22.37
CA ALA A 115 15.13 -16.40 -23.72
C ALA A 115 16.24 -15.37 -23.78
N ARG A 116 16.03 -14.19 -23.18
CA ARG A 116 16.97 -13.09 -23.30
C ARG A 116 16.59 -12.00 -22.32
N LEU A 117 17.59 -11.28 -21.83
CA LEU A 117 17.38 -10.10 -21.00
C LEU A 117 17.49 -8.86 -21.88
N ILE A 118 16.50 -7.97 -21.74
CA ILE A 118 16.47 -6.71 -22.48
C ILE A 118 16.46 -5.57 -21.48
N CYS A 119 17.42 -4.66 -21.61
CA CYS A 119 17.50 -3.47 -20.77
C CYS A 119 17.43 -2.24 -21.66
N VAL A 120 16.49 -1.36 -21.36
CA VAL A 120 16.27 -0.13 -22.12
C VAL A 120 16.50 1.05 -21.19
N ILE A 121 17.34 1.99 -21.61
CA ILE A 121 17.71 3.15 -20.81
C ILE A 121 17.31 4.41 -21.57
N ASP A 122 16.69 5.36 -20.87
CA ASP A 122 16.38 6.68 -21.42
C ASP A 122 17.58 7.57 -21.17
N GLY A 123 18.62 7.39 -21.99
CA GLY A 123 19.89 8.05 -21.79
C GLY A 123 20.38 8.80 -23.00
N ASP A 124 21.57 8.43 -23.47
CA ASP A 124 22.20 8.98 -24.67
C ASP A 124 22.70 10.41 -24.48
N GLU A 125 23.01 10.81 -23.25
CA GLU A 125 23.61 12.11 -22.99
C GLU A 125 25.05 11.97 -22.48
N GLU A 126 25.24 11.29 -21.35
CA GLU A 126 26.54 11.08 -20.71
C GLU A 126 26.36 10.42 -19.36
N GLU A 127 25.37 10.88 -18.58
CA GLU A 127 25.17 10.36 -17.24
C GLU A 127 24.77 8.89 -17.27
N ASP A 128 23.86 8.53 -18.19
CA ASP A 128 23.41 7.15 -18.28
C ASP A 128 24.44 6.22 -18.90
N LEU A 129 25.52 6.77 -19.46
CA LEU A 129 26.64 5.92 -19.84
C LEU A 129 27.23 5.21 -18.63
N LYS A 130 27.14 5.83 -17.45
CA LYS A 130 27.59 5.17 -16.23
C LYS A 130 26.67 4.01 -15.86
N MET A 131 25.37 4.16 -16.06
CA MET A 131 24.46 3.04 -15.84
C MET A 131 24.72 1.92 -16.85
N ALA A 132 25.03 2.29 -18.09
CA ALA A 132 25.45 1.29 -19.06
C ALA A 132 26.74 0.60 -18.63
N GLU A 133 27.66 1.34 -18.01
CA GLU A 133 28.88 0.73 -17.48
C GLU A 133 28.55 -0.25 -16.35
N ILE A 134 27.59 0.10 -15.50
CA ILE A 134 27.15 -0.83 -14.46
C ILE A 134 26.59 -2.11 -15.09
N TYR A 135 25.78 -1.95 -16.14
CA TYR A 135 25.25 -3.12 -16.84
C TYR A 135 26.39 -3.97 -17.41
N LYS A 136 27.38 -3.32 -18.03
CA LYS A 136 28.53 -4.04 -18.55
C LYS A 136 29.31 -4.75 -17.45
N GLN A 137 29.31 -4.19 -16.24
CA GLN A 137 29.90 -4.87 -15.11
C GLN A 137 29.11 -6.09 -14.70
N VAL A 138 27.77 -6.04 -14.84
CA VAL A 138 26.92 -7.16 -14.44
C VAL A 138 26.64 -8.13 -15.58
N TYR A 139 26.72 -7.68 -16.83
CA TYR A 139 26.36 -8.50 -17.97
C TYR A 139 27.40 -8.32 -19.08
N ASN A 140 27.07 -8.80 -20.28
CA ASN A 140 28.00 -8.74 -21.38
C ASN A 140 28.16 -7.32 -21.91
N ASP A 141 29.23 -7.11 -22.67
CA ASP A 141 29.52 -5.81 -23.27
C ASP A 141 28.77 -5.75 -24.59
N ASN A 142 27.47 -5.44 -24.49
CA ASN A 142 26.60 -5.27 -25.65
C ASN A 142 25.65 -4.12 -25.32
N VAL A 143 26.05 -2.90 -25.68
CA VAL A 143 25.26 -1.69 -25.40
C VAL A 143 25.12 -0.96 -26.73
N LYS A 144 23.97 -1.14 -27.38
CA LYS A 144 23.72 -0.50 -28.65
C LYS A 144 23.31 0.95 -28.47
N LYS A 145 23.49 1.74 -29.52
CA LYS A 145 23.22 3.18 -29.50
C LYS A 145 22.37 3.55 -30.71
N PRO A 146 21.09 3.19 -30.72
CA PRO A 146 20.22 3.54 -31.85
C PRO A 146 20.04 5.05 -31.94
N GLY A 147 19.89 5.52 -33.18
CA GLY A 147 19.74 6.95 -33.39
C GLY A 147 18.34 7.48 -33.12
N VAL A 148 17.32 6.65 -33.31
CA VAL A 148 15.93 7.08 -33.19
C VAL A 148 15.15 6.03 -32.39
N VAL A 149 14.03 6.47 -31.84
CA VAL A 149 13.13 5.60 -31.09
C VAL A 149 12.29 4.78 -32.07
N LEU A 150 12.02 3.52 -31.71
CA LEU A 150 11.24 2.64 -32.58
C LEU A 150 9.83 3.17 -32.80
N CYS A 151 9.24 3.79 -31.77
CA CYS A 151 7.86 4.26 -31.88
C CYS A 151 7.72 5.31 -32.97
N GLU A 152 8.67 6.25 -33.05
CA GLU A 152 8.64 7.29 -34.07
C GLU A 152 9.23 6.83 -35.39
N SER A 153 9.89 5.68 -35.43
CA SER A 153 10.48 5.19 -36.67
C SER A 153 9.40 4.74 -37.64
N GLU A 154 9.71 4.85 -38.94
CA GLU A 154 8.76 4.44 -39.97
C GLU A 154 8.61 2.93 -40.05
N ASN A 155 9.52 2.17 -39.46
CA ASN A 155 9.49 0.71 -39.46
C ASN A 155 9.59 0.25 -38.00
N LYS A 156 8.44 0.03 -37.37
CA LYS A 156 8.39 -0.37 -35.96
C LYS A 156 8.68 -1.88 -35.85
N ASN A 157 9.93 -2.23 -36.17
CA ASN A 157 10.41 -3.60 -36.09
C ASN A 157 11.70 -3.64 -35.30
N GLY A 158 11.85 -4.66 -34.46
CA GLY A 158 13.04 -4.78 -33.63
C GLY A 158 14.30 -5.14 -34.40
N SER A 159 14.16 -5.73 -35.58
CA SER A 159 15.33 -6.11 -36.37
C SER A 159 16.10 -4.91 -36.89
N THR A 160 15.50 -3.71 -36.87
CA THR A 160 16.21 -2.52 -37.33
C THR A 160 17.40 -2.20 -36.45
N ILE A 161 17.23 -2.32 -35.13
CA ILE A 161 18.26 -1.93 -34.18
C ILE A 161 18.98 -3.14 -33.61
N ASP A 162 18.33 -4.30 -33.64
CA ASP A 162 18.90 -5.52 -33.10
C ASP A 162 19.31 -6.46 -34.23
N SER A 163 20.36 -7.25 -33.97
CA SER A 163 20.85 -8.23 -34.93
C SER A 163 20.97 -9.64 -34.38
N ASP A 164 21.02 -9.82 -33.06
CA ASP A 164 21.12 -11.12 -32.43
C ASP A 164 19.94 -11.32 -31.49
N VAL A 165 19.36 -12.52 -31.50
CA VAL A 165 18.17 -12.83 -30.74
C VAL A 165 18.49 -13.71 -29.53
N SER A 166 19.77 -14.04 -29.33
CA SER A 166 20.17 -14.92 -28.24
C SER A 166 21.07 -14.27 -27.21
N LYS A 167 21.61 -13.08 -27.48
CA LYS A 167 22.53 -12.41 -26.59
C LYS A 167 21.83 -11.25 -25.89
N ASN A 168 22.09 -11.12 -24.59
CA ASN A 168 21.50 -10.02 -23.82
C ASN A 168 21.93 -8.68 -24.39
N ILE A 169 20.97 -7.76 -24.49
CA ILE A 169 21.18 -6.48 -25.17
C ILE A 169 20.76 -5.35 -24.24
N CYS A 170 21.59 -4.30 -24.19
CA CYS A 170 21.26 -3.07 -23.50
C CYS A 170 21.20 -1.95 -24.53
N ILE A 171 20.17 -1.10 -24.43
CA ILE A 171 19.90 -0.09 -25.43
C ILE A 171 19.78 1.26 -24.75
N LEU A 172 20.47 2.26 -25.31
CA LEU A 172 20.37 3.65 -24.87
C LEU A 172 19.56 4.40 -25.92
N GLN A 173 18.45 5.00 -25.48
CA GLN A 173 17.53 5.68 -26.38
C GLN A 173 17.34 7.13 -25.95
N PRO A 174 17.00 8.02 -26.87
CA PRO A 174 16.71 9.40 -26.48
C PRO A 174 15.57 9.46 -25.48
N HIS A 175 15.68 10.40 -24.53
CA HIS A 175 14.71 10.51 -23.45
C HIS A 175 13.35 10.90 -24.01
N ARG A 176 12.39 9.97 -23.95
CA ARG A 176 11.03 10.22 -24.40
C ARG A 176 9.97 9.78 -23.40
N GLY A 177 10.35 9.08 -22.33
CA GLY A 177 9.45 8.61 -21.32
C GLY A 177 9.61 7.13 -21.08
N LYS A 178 8.69 6.55 -20.31
CA LYS A 178 8.72 5.13 -20.01
C LYS A 178 7.90 4.32 -21.00
N ARG A 179 6.80 4.88 -21.50
CA ARG A 179 5.98 4.18 -22.49
C ARG A 179 6.77 3.93 -23.77
N GLU A 180 7.50 4.94 -24.24
CA GLU A 180 8.29 4.79 -25.46
C GLU A 180 9.37 3.74 -25.30
N SER A 181 10.00 3.70 -24.12
CA SER A 181 11.03 2.68 -23.87
C SER A 181 10.42 1.30 -23.73
N LEU A 182 9.22 1.19 -23.15
CA LEU A 182 8.57 -0.11 -23.03
C LEU A 182 8.14 -0.65 -24.39
N TYR A 183 7.79 0.23 -25.32
CA TYR A 183 7.45 -0.23 -26.67
C TYR A 183 8.64 -0.90 -27.34
N THR A 184 9.85 -0.34 -27.16
CA THR A 184 11.05 -0.95 -27.71
C THR A 184 11.30 -2.33 -27.10
N GLY A 185 11.10 -2.46 -25.79
CA GLY A 185 11.25 -3.75 -25.15
C GLY A 185 10.24 -4.76 -25.66
N PHE A 186 8.99 -4.33 -25.86
CA PHE A 186 7.98 -5.22 -26.42
C PHE A 186 8.36 -5.67 -27.82
N GLN A 187 8.86 -4.76 -28.65
CA GLN A 187 9.28 -5.15 -30.00
C GLN A 187 10.44 -6.14 -29.96
N LEU A 188 11.42 -5.89 -29.10
CA LEU A 188 12.57 -6.80 -29.01
C LEU A 188 12.15 -8.18 -28.50
N ALA A 189 11.21 -8.21 -27.56
CA ALA A 189 10.71 -9.51 -27.08
C ALA A 189 9.88 -10.21 -28.15
N SER A 190 9.15 -9.45 -28.96
CA SER A 190 8.37 -10.03 -30.05
C SER A 190 9.22 -10.43 -31.24
N MET A 191 10.49 -10.03 -31.28
CA MET A 191 11.39 -10.52 -32.32
C MET A 191 11.48 -12.04 -32.29
N ASP A 192 11.65 -12.62 -31.12
CA ASP A 192 11.82 -14.06 -30.99
C ASP A 192 10.47 -14.76 -31.12
N PRO A 193 10.29 -15.65 -32.10
CA PRO A 193 9.01 -16.36 -32.21
C PRO A 193 8.80 -17.45 -31.17
N SER A 194 9.85 -17.84 -30.44
CA SER A 194 9.73 -18.84 -29.39
C SER A 194 9.38 -18.25 -28.03
N VAL A 195 9.34 -16.93 -27.90
CA VAL A 195 9.00 -16.28 -26.65
C VAL A 195 7.49 -16.34 -26.45
N HIS A 196 7.05 -16.81 -25.28
CA HIS A 196 5.63 -16.91 -24.97
C HIS A 196 5.14 -15.86 -23.99
N ALA A 197 6.03 -15.22 -23.23
CA ALA A 197 5.60 -14.25 -22.24
C ALA A 197 6.73 -13.28 -21.96
N VAL A 198 6.36 -12.14 -21.37
CA VAL A 198 7.32 -11.10 -20.99
C VAL A 198 7.09 -10.75 -19.53
N VAL A 199 8.18 -10.48 -18.82
CA VAL A 199 8.15 -10.04 -17.43
C VAL A 199 8.78 -8.65 -17.35
N LEU A 200 8.03 -7.69 -16.82
CA LEU A 200 8.50 -6.31 -16.76
C LEU A 200 8.93 -5.97 -15.34
N ILE A 201 10.16 -5.43 -15.22
CA ILE A 201 10.73 -5.07 -13.93
C ILE A 201 11.26 -3.65 -14.01
N ASP A 202 11.11 -2.91 -12.93
CA ASP A 202 11.65 -1.56 -12.83
C ASP A 202 13.14 -1.61 -12.56
N SER A 203 13.81 -0.47 -12.77
CA SER A 203 15.25 -0.39 -12.56
C SER A 203 15.63 -0.48 -11.08
N ASP A 204 14.67 -0.36 -10.17
CA ASP A 204 14.94 -0.42 -8.74
C ASP A 204 14.46 -1.70 -8.09
N THR A 205 13.45 -2.35 -8.65
CA THR A 205 12.84 -3.52 -8.03
C THR A 205 13.86 -4.65 -7.88
N VAL A 206 13.92 -5.24 -6.68
CA VAL A 206 14.78 -6.37 -6.38
C VAL A 206 13.89 -7.60 -6.23
N LEU A 207 14.11 -8.60 -7.07
CA LEU A 207 13.29 -9.80 -7.07
C LEU A 207 13.82 -10.82 -6.07
N GLU A 208 13.02 -11.86 -5.85
CA GLU A 208 13.42 -13.01 -5.05
C GLU A 208 13.96 -14.10 -5.96
N LYS A 209 14.28 -15.25 -5.37
CA LYS A 209 14.82 -16.36 -6.15
C LYS A 209 13.78 -17.00 -7.05
N ASN A 210 12.49 -16.86 -6.74
CA ASN A 210 11.43 -17.47 -7.52
C ASN A 210 10.34 -16.44 -7.84
N ALA A 211 10.74 -15.24 -8.22
CA ALA A 211 9.79 -14.19 -8.57
C ALA A 211 9.37 -14.22 -10.04
N ILE A 212 9.99 -15.06 -10.85
CA ILE A 212 9.64 -15.17 -12.27
C ILE A 212 8.82 -16.44 -12.48
N LEU A 213 9.18 -17.50 -11.76
CA LEU A 213 8.45 -18.77 -11.87
C LEU A 213 7.01 -18.63 -11.41
N GLU A 214 6.71 -17.71 -10.52
CA GLU A 214 5.36 -17.57 -9.96
C GLU A 214 4.47 -16.65 -10.77
N VAL A 215 5.03 -15.76 -11.58
CA VAL A 215 4.21 -14.86 -12.40
C VAL A 215 3.88 -15.44 -13.77
N VAL A 216 4.50 -16.55 -14.15
CA VAL A 216 4.28 -17.13 -15.48
C VAL A 216 3.56 -18.46 -15.44
N TYR A 217 3.31 -19.03 -14.26
CA TYR A 217 2.57 -20.27 -14.16
C TYR A 217 1.06 -20.06 -14.36
N PRO A 218 0.44 -19.03 -13.77
CA PRO A 218 -1.00 -18.83 -14.02
C PRO A 218 -1.33 -18.61 -15.49
N LEU A 219 -0.40 -18.09 -16.29
CA LEU A 219 -0.66 -17.94 -17.72
C LEU A 219 -0.91 -19.28 -18.39
N SER A 220 -0.28 -20.34 -17.89
CA SER A 220 -0.45 -21.68 -18.46
C SER A 220 -1.53 -22.49 -17.75
N CYS A 221 -2.23 -21.91 -16.78
CA CYS A 221 -3.27 -22.62 -16.04
C CYS A 221 -4.64 -22.51 -16.71
N ASP A 222 -5.00 -21.30 -17.16
CA ASP A 222 -6.28 -21.06 -17.80
C ASP A 222 -6.03 -20.37 -19.13
N PRO A 223 -6.60 -20.87 -20.23
CA PRO A 223 -6.35 -20.23 -21.54
C PRO A 223 -6.86 -18.80 -21.63
N ASN A 224 -7.80 -18.40 -20.77
CA ASN A 224 -8.35 -17.06 -20.80
C ASN A 224 -7.54 -16.05 -19.98
N ILE A 225 -6.51 -16.50 -19.27
CA ILE A 225 -5.66 -15.62 -18.48
C ILE A 225 -4.51 -15.13 -19.35
N LYS A 226 -4.37 -13.81 -19.47
CA LYS A 226 -3.35 -13.23 -20.33
C LYS A 226 -2.49 -12.20 -19.60
N ALA A 227 -2.62 -12.10 -18.28
CA ALA A 227 -1.82 -11.15 -17.51
C ALA A 227 -1.82 -11.55 -16.05
N VAL A 228 -0.64 -11.50 -15.45
CA VAL A 228 -0.44 -11.88 -14.05
C VAL A 228 0.26 -10.74 -13.32
N ALA A 229 -0.21 -10.46 -12.12
CA ALA A 229 0.29 -9.38 -11.28
C ALA A 229 1.06 -9.96 -10.10
N GLY A 230 2.15 -9.30 -9.73
CA GLY A 230 3.01 -9.72 -8.64
C GLY A 230 2.98 -8.73 -7.49
N GLU A 231 3.19 -9.24 -6.28
CA GLU A 231 3.20 -8.40 -5.09
C GLU A 231 4.41 -7.48 -5.08
N CYS A 232 4.23 -6.30 -4.50
CA CYS A 232 5.29 -5.33 -4.32
C CYS A 232 5.41 -4.97 -2.85
N LYS A 233 6.63 -4.93 -2.34
CA LYS A 233 6.89 -4.65 -0.94
C LYS A 233 7.90 -3.52 -0.82
N ILE A 234 7.83 -2.80 0.31
CA ILE A 234 8.71 -1.68 0.60
C ILE A 234 9.76 -2.13 1.59
N TRP A 235 11.03 -1.91 1.27
CA TRP A 235 12.13 -2.38 2.10
C TRP A 235 12.74 -1.30 2.98
N ASN A 236 12.69 -0.04 2.56
CA ASN A 236 13.29 1.05 3.33
C ASN A 236 12.31 1.60 4.36
N THR A 237 11.87 0.72 5.26
CA THR A 237 10.92 1.09 6.31
C THR A 237 11.66 1.61 7.55
N ASP A 238 12.38 2.71 7.36
CA ASP A 238 13.09 3.38 8.44
C ASP A 238 12.34 4.59 8.97
N THR A 239 11.89 5.48 8.09
CA THR A 239 11.10 6.63 8.50
C THR A 239 9.66 6.21 8.80
N ILE A 240 8.94 7.09 9.48
CA ILE A 240 7.55 6.80 9.83
C ILE A 240 6.68 6.77 8.58
N LEU A 241 6.89 7.72 7.66
CA LEU A 241 6.09 7.75 6.45
C LEU A 241 6.30 6.50 5.61
N SER A 242 7.56 6.08 5.44
CA SER A 242 7.83 4.84 4.71
C SER A 242 7.24 3.63 5.43
N MET A 243 7.26 3.65 6.76
CA MET A 243 6.66 2.56 7.52
C MET A 243 5.16 2.45 7.25
N LEU A 244 4.47 3.59 7.21
CA LEU A 244 3.03 3.56 6.92
C LEU A 244 2.77 3.17 5.46
N VAL A 245 3.60 3.67 4.54
CA VAL A 245 3.42 3.36 3.12
C VAL A 245 3.62 1.88 2.85
N SER A 246 4.54 1.23 3.57
CA SER A 246 4.75 -0.20 3.37
C SER A 246 3.48 -0.99 3.68
N TRP A 247 2.83 -0.68 4.81
CA TRP A 247 1.60 -1.38 5.16
C TRP A 247 0.44 -0.97 4.25
N ARG A 248 0.44 0.27 3.77
CA ARG A 248 -0.57 0.66 2.79
C ARG A 248 -0.43 -0.19 1.52
N TYR A 249 0.82 -0.37 1.06
CA TYR A 249 1.06 -1.22 -0.10
C TYR A 249 0.63 -2.65 0.15
N PHE A 250 0.97 -3.17 1.34
CA PHE A 250 0.58 -4.55 1.67
C PHE A 250 -0.93 -4.72 1.65
N SER A 251 -1.66 -3.76 2.23
CA SER A 251 -3.12 -3.85 2.23
C SER A 251 -3.70 -3.68 0.83
N ALA A 252 -3.14 -2.79 0.02
CA ALA A 252 -3.67 -2.54 -1.32
C ALA A 252 -3.26 -3.61 -2.32
N PHE A 253 -2.32 -4.48 -1.97
CA PHE A 253 -1.96 -5.61 -2.83
C PHE A 253 -2.65 -6.90 -2.40
N ASN A 254 -2.57 -7.25 -1.11
CA ASN A 254 -3.14 -8.52 -0.68
C ASN A 254 -4.66 -8.48 -0.66
N VAL A 255 -5.25 -7.37 -0.23
CA VAL A 255 -6.69 -7.29 -0.02
C VAL A 255 -7.38 -6.69 -1.24
N GLU A 256 -6.90 -5.52 -1.69
CA GLU A 256 -7.58 -4.80 -2.74
C GLU A 256 -7.56 -5.56 -4.07
N ARG A 257 -6.43 -6.20 -4.39
CA ARG A 257 -6.27 -6.85 -5.69
C ARG A 257 -6.60 -8.33 -5.67
N GLY A 258 -6.50 -9.00 -4.52
CA GLY A 258 -6.89 -10.41 -4.47
C GLY A 258 -8.37 -10.61 -4.72
N ALA A 259 -9.21 -9.75 -4.14
CA ALA A 259 -10.64 -9.84 -4.38
C ALA A 259 -10.97 -9.60 -5.84
N GLN A 260 -10.30 -8.63 -6.47
CA GLN A 260 -10.49 -8.41 -7.90
C GLN A 260 -10.05 -9.61 -8.72
N SER A 261 -8.92 -10.21 -8.35
CA SER A 261 -8.41 -11.38 -9.07
C SER A 261 -9.23 -12.63 -8.85
N LEU A 262 -10.10 -12.65 -7.83
CA LEU A 262 -11.01 -13.78 -7.68
C LEU A 262 -11.93 -13.90 -8.90
N TRP A 263 -12.42 -12.77 -9.39
CA TRP A 263 -13.19 -12.73 -10.63
C TRP A 263 -12.32 -12.54 -11.85
N LYS A 264 -10.98 -12.52 -11.68
CA LYS A 264 -10.04 -12.35 -12.78
C LYS A 264 -10.27 -11.04 -13.53
N THR A 265 -10.42 -9.96 -12.77
CA THR A 265 -10.65 -8.62 -13.31
C THR A 265 -9.75 -7.61 -12.61
N VAL A 266 -8.45 -7.92 -12.52
CA VAL A 266 -7.51 -7.03 -11.85
C VAL A 266 -7.43 -5.71 -12.62
N GLN A 267 -7.60 -4.61 -11.90
CA GLN A 267 -7.64 -3.29 -12.54
C GLN A 267 -6.26 -2.86 -13.01
N CYS A 268 -5.24 -3.07 -12.17
CA CYS A 268 -3.87 -2.65 -12.47
C CYS A 268 -2.93 -3.80 -12.19
N VAL A 269 -2.16 -4.20 -13.20
CA VAL A 269 -1.18 -5.27 -13.02
C VAL A 269 -0.08 -4.83 -12.07
N GLY A 270 0.44 -3.62 -12.25
CA GLY A 270 1.47 -3.13 -11.37
C GLY A 270 2.77 -2.88 -12.11
N GLY A 271 3.55 -1.92 -11.59
CA GLY A 271 4.80 -1.53 -12.18
C GLY A 271 5.97 -2.43 -11.83
N PRO A 272 6.28 -2.57 -10.52
CA PRO A 272 7.48 -3.33 -10.13
C PRO A 272 7.55 -4.74 -10.68
N LEU A 273 6.43 -5.45 -10.72
CA LEU A 273 6.42 -6.83 -11.20
C LEU A 273 5.13 -7.09 -11.97
N GLY A 274 5.25 -7.77 -13.10
CA GLY A 274 4.10 -8.08 -13.92
C GLY A 274 4.44 -8.89 -15.16
N ALA A 275 3.65 -9.92 -15.44
CA ALA A 275 3.87 -10.80 -16.57
C ALA A 275 2.71 -10.66 -17.56
N TYR A 276 3.06 -10.60 -18.84
CA TYR A 276 2.08 -10.47 -19.92
C TYR A 276 2.35 -11.53 -20.98
N THR A 277 1.31 -11.90 -21.70
CA THR A 277 1.43 -12.81 -22.83
C THR A 277 1.82 -12.02 -24.08
N ILE A 278 2.63 -12.64 -24.93
CA ILE A 278 3.08 -11.96 -26.14
C ILE A 278 1.92 -11.77 -27.12
N ASP A 279 0.92 -12.66 -27.07
CA ASP A 279 -0.19 -12.56 -28.02
C ASP A 279 -1.03 -11.31 -27.77
N ILE A 280 -1.37 -11.05 -26.50
CA ILE A 280 -2.18 -9.88 -26.19
C ILE A 280 -1.38 -8.60 -26.40
N ILE A 281 -0.06 -8.64 -26.16
CA ILE A 281 0.77 -7.47 -26.36
C ILE A 281 0.88 -7.14 -27.85
N ASN A 282 1.00 -8.16 -28.69
CA ASN A 282 1.06 -7.93 -30.13
C ASN A 282 -0.22 -7.31 -30.66
N GLU A 283 -1.30 -7.34 -29.89
CA GLU A 283 -2.58 -6.76 -30.31
C GLU A 283 -2.85 -5.41 -29.66
N ILE A 284 -2.42 -5.19 -28.42
CA ILE A 284 -2.74 -3.96 -27.70
C ILE A 284 -1.62 -2.94 -27.74
N LYS A 285 -0.45 -3.28 -28.26
CA LYS A 285 0.66 -2.32 -28.28
C LYS A 285 0.46 -1.21 -29.30
N ASP A 286 -0.41 -1.41 -30.28
CA ASP A 286 -0.64 -0.38 -31.29
C ASP A 286 -1.48 0.77 -30.72
N PRO A 287 -2.69 0.52 -30.09
CA PRO A 287 -3.45 1.61 -29.47
C PRO A 287 -3.01 1.92 -28.05
N TRP A 288 -1.69 1.95 -27.83
CA TRP A 288 -1.13 2.22 -26.51
C TRP A 288 -0.06 3.30 -26.51
N ILE A 289 0.67 3.51 -27.61
CA ILE A 289 1.65 4.59 -27.66
C ILE A 289 1.03 5.91 -28.15
N THR A 290 -0.08 5.84 -28.87
CA THR A 290 -0.79 7.02 -29.33
C THR A 290 -1.96 7.38 -28.43
N GLN A 291 -1.82 7.14 -27.12
CA GLN A 291 -2.90 7.40 -26.18
C GLN A 291 -3.23 8.89 -26.12
N THR A 292 -4.52 9.20 -26.20
CA THR A 292 -5.03 10.56 -26.03
C THR A 292 -6.21 10.52 -25.07
N PHE A 293 -6.34 11.58 -24.27
CA PHE A 293 -7.42 11.68 -23.31
C PHE A 293 -8.45 12.73 -23.69
N LEU A 294 -8.03 13.99 -23.84
CA LEU A 294 -8.89 15.01 -24.43
C LEU A 294 -8.27 15.62 -25.68
N GLY A 295 -7.08 16.20 -25.58
CA GLY A 295 -6.40 16.75 -26.73
C GLY A 295 -4.89 16.64 -26.66
N ASN A 296 -4.38 15.92 -25.67
CA ASN A 296 -2.94 15.87 -25.42
C ASN A 296 -2.51 14.44 -25.12
N LYS A 297 -1.23 14.19 -25.33
CA LYS A 297 -0.65 12.89 -25.02
C LYS A 297 -0.56 12.69 -23.52
N CYS A 298 -0.50 11.42 -23.10
CA CYS A 298 -0.39 11.05 -21.70
C CYS A 298 1.03 10.58 -21.40
N THR A 299 1.62 11.12 -20.34
CA THR A 299 2.98 10.81 -19.94
C THR A 299 3.03 10.31 -18.51
N TYR A 300 1.97 9.63 -18.07
CA TYR A 300 1.92 9.07 -16.73
C TYR A 300 1.03 7.84 -16.75
N GLY A 301 1.22 6.98 -15.75
CA GLY A 301 0.53 5.70 -15.72
C GLY A 301 1.37 4.59 -16.32
N ASP A 302 1.10 4.28 -17.59
CA ASP A 302 1.85 3.34 -18.42
C ASP A 302 1.69 1.88 -17.98
N ASN A 303 0.95 1.60 -16.91
CA ASN A 303 0.72 0.23 -16.49
C ASN A 303 -0.77 0.00 -16.25
N ARG A 304 -1.47 1.05 -15.81
CA ARG A 304 -2.90 0.95 -15.58
C ARG A 304 -3.67 0.91 -16.91
N ARG A 305 -3.27 1.75 -17.87
CA ARG A 305 -3.92 1.72 -19.18
C ARG A 305 -3.61 0.41 -19.92
N LEU A 306 -2.39 -0.12 -19.75
CA LEU A 306 -2.04 -1.37 -20.40
C LEU A 306 -2.91 -2.51 -19.88
N THR A 307 -3.14 -2.56 -18.57
CA THR A 307 -4.05 -3.54 -17.99
C THR A 307 -5.48 -3.30 -18.45
N ASN A 308 -5.89 -2.03 -18.53
CA ASN A 308 -7.25 -1.70 -18.93
C ASN A 308 -7.51 -2.16 -20.37
N GLU A 309 -6.52 -2.05 -21.23
CA GLU A 309 -6.67 -2.49 -22.62
C GLU A 309 -6.90 -3.99 -22.70
N VAL A 310 -6.20 -4.76 -21.86
CA VAL A 310 -6.47 -6.19 -21.78
C VAL A 310 -7.89 -6.43 -21.28
N LEU A 311 -8.33 -5.63 -20.30
CA LEU A 311 -9.67 -5.82 -19.75
C LEU A 311 -10.76 -5.57 -20.79
N MET A 312 -10.60 -4.53 -21.63
CA MET A 312 -11.64 -4.20 -22.60
C MET A 312 -11.83 -5.26 -23.69
N ARG A 313 -10.92 -6.23 -23.80
CA ARG A 313 -11.06 -7.28 -24.81
C ARG A 313 -11.63 -8.56 -24.25
N GLY A 314 -12.17 -8.53 -23.03
CA GLY A 314 -12.78 -9.70 -22.43
C GLY A 314 -11.81 -10.69 -21.85
N LYS A 315 -10.53 -10.37 -21.80
CA LYS A 315 -9.54 -11.30 -21.27
C LYS A 315 -9.54 -11.25 -19.74
N LYS A 316 -8.90 -12.25 -19.14
CA LYS A 316 -8.86 -12.40 -17.70
C LYS A 316 -7.46 -12.12 -17.18
N ILE A 317 -7.37 -11.43 -16.04
CA ILE A 317 -6.11 -11.03 -15.43
C ILE A 317 -6.13 -11.45 -13.97
N VAL A 318 -5.07 -12.10 -13.52
CA VAL A 318 -5.01 -12.64 -12.16
C VAL A 318 -3.83 -12.01 -11.43
N TYR A 319 -3.85 -12.15 -10.11
CA TYR A 319 -2.82 -11.63 -9.23
C TYR A 319 -2.33 -12.76 -8.34
N THR A 320 -1.03 -13.06 -8.40
CA THR A 320 -0.45 -14.11 -7.57
C THR A 320 0.24 -13.51 -6.37
N PRO A 321 -0.13 -13.89 -5.14
CA PRO A 321 0.55 -13.34 -3.96
C PRO A 321 1.88 -14.01 -3.65
N PHE A 322 2.25 -15.07 -4.36
CA PHE A 322 3.47 -15.80 -4.09
C PHE A 322 4.69 -15.22 -4.78
N ALA A 323 4.51 -14.20 -5.62
CA ALA A 323 5.63 -13.52 -6.28
C ALA A 323 5.88 -12.20 -5.56
N VAL A 324 7.12 -12.01 -5.09
CA VAL A 324 7.48 -10.89 -4.24
C VAL A 324 8.54 -10.05 -4.95
N GLY A 325 8.30 -8.75 -5.03
CA GLY A 325 9.28 -7.82 -5.56
C GLY A 325 9.46 -6.63 -4.62
N TRP A 326 10.70 -6.30 -4.30
CA TRP A 326 11.01 -5.27 -3.32
C TRP A 326 11.33 -3.95 -4.02
N SER A 327 10.67 -2.89 -3.60
CA SER A 327 10.90 -1.55 -4.12
C SER A 327 10.95 -0.57 -2.96
N ASP A 328 11.32 0.67 -3.26
CA ASP A 328 11.43 1.71 -2.24
C ASP A 328 10.26 2.69 -2.35
N SER A 329 10.09 3.48 -1.31
CA SER A 329 9.03 4.47 -1.22
C SER A 329 9.61 5.82 -0.83
N PRO A 330 9.00 6.91 -1.31
CA PRO A 330 9.50 8.24 -0.94
C PRO A 330 9.40 8.49 0.55
N THR A 331 10.37 9.22 1.08
CA THR A 331 10.43 9.54 2.50
C THR A 331 9.87 10.92 2.81
N ASN A 332 10.09 11.90 1.94
CA ASN A 332 9.56 13.24 2.15
C ASN A 332 8.05 13.25 1.95
N VAL A 333 7.35 14.07 2.74
CA VAL A 333 5.90 14.13 2.64
C VAL A 333 5.47 14.79 1.33
N MET A 334 6.16 15.87 0.94
CA MET A 334 5.77 16.60 -0.27
C MET A 334 5.90 15.72 -1.52
N ARG A 335 6.99 14.97 -1.61
CA ARG A 335 7.17 14.07 -2.76
C ARG A 335 6.11 12.97 -2.77
N TYR A 336 5.73 12.47 -1.60
CA TYR A 336 4.66 11.49 -1.54
C TYR A 336 3.33 12.08 -2.01
N ILE A 337 3.05 13.33 -1.63
CA ILE A 337 1.84 13.99 -2.10
C ILE A 337 1.86 14.15 -3.61
N VAL A 338 3.01 14.54 -4.16
CA VAL A 338 3.13 14.67 -5.61
C VAL A 338 2.88 13.33 -6.30
N GLN A 339 3.45 12.25 -5.76
CA GLN A 339 3.24 10.93 -6.33
C GLN A 339 1.76 10.53 -6.28
N GLN A 340 1.10 10.80 -5.16
CA GLN A 340 -0.31 10.43 -5.03
C GLN A 340 -1.19 11.22 -5.99
N THR A 341 -0.93 12.52 -6.15
CA THR A 341 -1.73 13.30 -7.09
C THR A 341 -1.46 12.87 -8.53
N ARG A 342 -0.22 12.49 -8.85
CA ARG A 342 0.08 11.98 -10.18
C ARG A 342 -0.64 10.66 -10.45
N TRP A 343 -0.73 9.79 -9.44
CA TRP A 343 -1.48 8.55 -9.62
C TRP A 343 -2.98 8.80 -9.77
N SER A 344 -3.53 9.69 -8.94
CA SER A 344 -4.95 10.00 -9.04
C SER A 344 -5.30 10.63 -10.37
N LYS A 345 -4.37 11.35 -10.98
CA LYS A 345 -4.63 11.95 -12.30
C LYS A 345 -4.98 10.87 -13.32
N SER A 346 -4.24 9.76 -13.34
CA SER A 346 -4.55 8.67 -14.26
C SER A 346 -5.75 7.86 -13.79
N TRP A 347 -5.94 7.75 -12.47
CA TRP A 347 -7.09 7.01 -11.95
C TRP A 347 -8.39 7.65 -12.38
N CYS A 348 -8.47 8.98 -12.35
CA CYS A 348 -9.72 9.68 -12.63
C CYS A 348 -10.14 9.57 -14.09
N ARG A 349 -9.26 9.07 -14.96
CA ARG A 349 -9.63 8.76 -16.34
C ARG A 349 -9.88 7.27 -16.54
N GLU A 350 -8.97 6.43 -16.04
CA GLU A 350 -9.15 5.01 -16.25
C GLU A 350 -10.33 4.44 -15.47
N ILE A 351 -10.87 5.17 -14.49
CA ILE A 351 -12.07 4.70 -13.82
C ILE A 351 -13.26 4.70 -14.79
N TRP A 352 -13.43 5.79 -15.55
CA TRP A 352 -14.47 5.82 -16.57
C TRP A 352 -14.14 4.87 -17.70
N TYR A 353 -12.85 4.74 -18.04
CA TYR A 353 -12.48 3.83 -19.12
C TYR A 353 -12.84 2.39 -18.77
N THR A 354 -12.66 1.99 -17.51
CA THR A 354 -13.01 0.64 -17.10
C THR A 354 -14.52 0.47 -16.91
N LEU A 355 -15.22 1.54 -16.50
CA LEU A 355 -16.67 1.46 -16.40
C LEU A 355 -17.30 1.31 -17.78
N GLY A 356 -16.66 1.86 -18.81
CA GLY A 356 -17.18 1.73 -20.16
C GLY A 356 -16.94 0.37 -20.80
N SER A 357 -16.16 -0.51 -20.16
CA SER A 357 -15.87 -1.82 -20.72
C SER A 357 -16.16 -2.95 -19.75
N ALA A 358 -16.64 -2.65 -18.54
CA ALA A 358 -16.98 -3.71 -17.59
C ALA A 358 -18.11 -4.61 -18.08
N TRP A 359 -18.89 -4.18 -19.08
CA TRP A 359 -20.02 -4.98 -19.53
C TRP A 359 -19.60 -6.20 -20.33
N LYS A 360 -18.42 -6.15 -20.97
CA LYS A 360 -18.01 -7.24 -21.86
C LYS A 360 -17.72 -8.53 -21.11
N HIS A 361 -17.26 -8.44 -19.86
CA HIS A 361 -16.89 -9.64 -19.13
C HIS A 361 -18.11 -10.47 -18.75
N GLY A 362 -19.25 -9.84 -18.50
CA GLY A 362 -20.45 -10.55 -18.15
C GLY A 362 -20.90 -10.28 -16.72
N PHE A 363 -21.35 -11.32 -16.02
CA PHE A 363 -21.71 -11.16 -14.61
C PHE A 363 -20.50 -10.73 -13.79
N SER A 364 -19.34 -11.30 -14.05
CA SER A 364 -18.10 -10.77 -13.51
C SER A 364 -17.87 -9.39 -14.08
N GLY A 365 -17.89 -8.37 -13.22
CA GLY A 365 -17.86 -6.99 -13.69
C GLY A 365 -18.86 -6.16 -12.92
N ILE A 366 -19.93 -6.81 -12.46
CA ILE A 366 -20.83 -6.17 -11.50
C ILE A 366 -20.05 -5.83 -10.23
N TYR A 367 -19.22 -6.76 -9.77
CA TYR A 367 -18.35 -6.47 -8.63
C TYR A 367 -17.33 -5.40 -8.97
N LEU A 368 -16.83 -5.39 -10.21
CA LEU A 368 -15.89 -4.36 -10.64
C LEU A 368 -16.55 -2.98 -10.60
N ALA A 369 -17.77 -2.88 -11.13
CA ALA A 369 -18.50 -1.62 -11.10
C ALA A 369 -18.82 -1.20 -9.67
N PHE A 370 -19.16 -2.17 -8.82
CA PHE A 370 -19.43 -1.86 -7.42
C PHE A 370 -18.18 -1.33 -6.73
N GLU A 371 -17.02 -1.91 -7.01
CA GLU A 371 -15.77 -1.39 -6.46
C GLU A 371 -15.48 0.01 -6.96
N CYS A 372 -15.74 0.26 -8.24
CA CYS A 372 -15.54 1.61 -8.79
C CYS A 372 -16.44 2.62 -8.09
N MET A 373 -17.72 2.29 -7.91
CA MET A 373 -18.64 3.19 -7.24
C MET A 373 -18.26 3.38 -5.78
N TYR A 374 -17.79 2.32 -5.12
CA TYR A 374 -17.33 2.44 -3.75
C TYR A 374 -16.16 3.41 -3.64
N GLN A 375 -15.17 3.26 -4.54
CA GLN A 375 -14.02 4.16 -4.51
C GLN A 375 -14.39 5.59 -4.85
N ILE A 376 -15.38 5.79 -5.72
CA ILE A 376 -15.85 7.14 -6.03
C ILE A 376 -16.57 7.77 -4.83
N MET A 377 -17.44 7.00 -4.18
CA MET A 377 -18.29 7.56 -3.13
C MET A 377 -17.57 7.65 -1.79
N TYR A 378 -16.48 6.90 -1.61
CA TYR A 378 -15.83 6.88 -0.30
C TYR A 378 -15.20 8.23 0.03
N PHE A 379 -14.51 8.84 -0.95
CA PHE A 379 -13.91 10.15 -0.74
C PHE A 379 -14.97 11.21 -0.46
N PHE A 380 -16.08 11.17 -1.20
CA PHE A 380 -17.17 12.12 -0.97
C PHE A 380 -17.77 11.94 0.42
N LEU A 381 -17.96 10.68 0.83
CA LEU A 381 -18.50 10.43 2.17
C LEU A 381 -17.56 10.95 3.24
N VAL A 382 -16.25 10.72 3.09
CA VAL A 382 -15.28 11.20 4.06
C VAL A 382 -15.32 12.73 4.14
N MET A 383 -15.32 13.39 2.98
CA MET A 383 -15.35 14.85 2.96
C MET A 383 -16.62 15.40 3.60
N TYR A 384 -17.77 14.82 3.25
CA TYR A 384 -19.04 15.29 3.81
C TYR A 384 -19.10 15.06 5.31
N LEU A 385 -18.64 13.89 5.78
CA LEU A 385 -18.66 13.62 7.21
C LEU A 385 -17.74 14.60 7.96
N PHE A 386 -16.56 14.86 7.42
CA PHE A 386 -15.66 15.81 8.07
C PHE A 386 -16.27 17.20 8.12
N SER A 387 -16.87 17.65 7.01
CA SER A 387 -17.50 18.96 7.00
C SER A 387 -18.65 19.04 8.00
N TYR A 388 -19.48 17.99 8.06
CA TYR A 388 -20.62 18.00 8.97
C TYR A 388 -20.18 18.00 10.43
N ILE A 389 -19.16 17.21 10.77
CA ILE A 389 -18.70 17.17 12.16
C ILE A 389 -17.83 18.35 12.53
N ALA A 390 -17.33 19.11 11.55
CA ALA A 390 -16.55 20.31 11.85
C ALA A 390 -17.44 21.55 11.96
N ILE A 391 -18.41 21.70 11.06
CA ILE A 391 -19.29 22.86 11.10
C ILE A 391 -20.12 22.87 12.38
N LYS A 392 -20.68 21.71 12.73
CA LYS A 392 -21.45 21.56 13.97
C LYS A 392 -20.48 21.14 15.07
N ALA A 393 -20.00 22.13 15.83
CA ALA A 393 -18.99 21.89 16.86
C ALA A 393 -19.64 21.22 18.06
N ASP A 394 -19.86 19.92 17.93
CA ASP A 394 -20.40 19.09 19.00
C ASP A 394 -19.34 18.09 19.42
N ILE A 395 -19.02 18.06 20.72
CA ILE A 395 -17.96 17.18 21.21
C ILE A 395 -18.37 15.72 21.11
N ARG A 396 -19.65 15.41 21.33
CA ARG A 396 -20.10 14.02 21.30
C ARG A 396 -19.88 13.39 19.93
N ALA A 397 -20.32 14.07 18.86
CA ALA A 397 -20.18 13.52 17.52
C ALA A 397 -18.72 13.38 17.13
N GLN A 398 -17.89 14.38 17.48
CA GLN A 398 -16.47 14.31 17.14
C GLN A 398 -15.80 13.14 17.85
N THR A 399 -16.06 12.97 19.15
CA THR A 399 -15.46 11.87 19.89
C THR A 399 -15.94 10.52 19.36
N ALA A 400 -17.24 10.40 19.06
CA ALA A 400 -17.76 9.15 18.53
C ALA A 400 -17.13 8.81 17.18
N THR A 401 -16.99 9.81 16.30
CA THR A 401 -16.37 9.58 15.01
C THR A 401 -14.92 9.14 15.18
N VAL A 402 -14.17 9.82 16.07
CA VAL A 402 -12.77 9.46 16.29
C VAL A 402 -12.66 8.03 16.79
N LEU A 403 -13.47 7.66 17.77
CA LEU A 403 -13.41 6.30 18.32
C LEU A 403 -13.83 5.25 17.29
N VAL A 404 -14.86 5.54 16.48
CA VAL A 404 -15.29 4.57 15.47
C VAL A 404 -14.21 4.36 14.43
N SER A 405 -13.58 5.46 13.97
CA SER A 405 -12.49 5.33 13.00
C SER A 405 -11.32 4.57 13.60
N THR A 406 -11.01 4.83 14.88
CA THR A 406 -9.91 4.12 15.53
C THR A 406 -10.21 2.62 15.61
N LEU A 407 -11.44 2.26 15.97
CA LEU A 407 -11.79 0.84 16.05
C LEU A 407 -11.72 0.17 14.68
N VAL A 408 -12.21 0.87 13.65
CA VAL A 408 -12.19 0.30 12.30
C VAL A 408 -10.76 0.07 11.84
N THR A 409 -9.89 1.06 12.03
CA THR A 409 -8.51 0.90 11.59
C THR A 409 -7.76 -0.12 12.46
N ILE A 410 -8.16 -0.27 13.73
CA ILE A 410 -7.58 -1.32 14.57
C ILE A 410 -7.93 -2.70 14.02
N ILE A 411 -9.19 -2.89 13.62
CA ILE A 411 -9.59 -4.18 13.03
C ILE A 411 -8.83 -4.41 11.72
N LYS A 412 -8.73 -3.38 10.89
CA LYS A 412 -8.02 -3.52 9.61
C LYS A 412 -6.56 -3.88 9.83
N SER A 413 -5.89 -3.22 10.78
CA SER A 413 -4.50 -3.53 11.06
C SER A 413 -4.35 -4.90 11.70
N SER A 414 -5.31 -5.34 12.50
CA SER A 414 -5.26 -6.67 13.10
C SER A 414 -5.32 -7.74 12.03
N TYR A 415 -6.16 -7.55 11.01
CA TYR A 415 -6.20 -8.54 9.93
C TYR A 415 -4.86 -8.63 9.21
N LEU A 416 -4.25 -7.47 8.92
CA LEU A 416 -2.96 -7.47 8.25
C LEU A 416 -1.87 -8.11 9.12
N ALA A 417 -1.92 -7.86 10.43
CA ALA A 417 -0.96 -8.49 11.33
C ALA A 417 -1.14 -10.00 11.35
N LEU A 418 -2.38 -10.47 11.33
CA LEU A 418 -2.62 -11.91 11.25
C LEU A 418 -2.12 -12.51 9.94
N ARG A 419 -2.33 -11.79 8.84
CA ARG A 419 -1.94 -12.33 7.53
C ARG A 419 -0.43 -12.34 7.34
N ALA A 420 0.25 -11.26 7.73
CA ALA A 420 1.66 -11.10 7.43
C ALA A 420 2.58 -11.68 8.49
N LYS A 421 2.03 -12.20 9.59
CA LYS A 421 2.81 -12.76 10.70
C LYS A 421 3.75 -11.73 11.33
N ASN A 422 3.50 -10.44 11.09
CA ASN A 422 4.35 -9.37 11.58
C ASN A 422 3.56 -8.49 12.55
N LEU A 423 4.16 -8.22 13.71
CA LEU A 423 3.51 -7.38 14.71
C LEU A 423 3.57 -5.89 14.39
N LYS A 424 4.41 -5.49 13.44
CA LYS A 424 4.55 -4.07 13.09
C LYS A 424 3.35 -3.56 12.30
N ALA A 425 2.50 -4.44 11.78
CA ALA A 425 1.36 -4.01 10.97
C ALA A 425 0.42 -3.09 11.75
N PHE A 426 0.45 -3.14 13.08
CA PHE A 426 -0.37 -2.24 13.88
C PHE A 426 -0.04 -0.77 13.65
N TYR A 427 1.16 -0.46 13.15
CA TYR A 427 1.47 0.92 12.80
C TYR A 427 0.52 1.47 11.77
N PHE A 428 -0.17 0.59 11.01
CA PHE A 428 -1.15 1.03 10.04
C PHE A 428 -2.27 1.84 10.67
N VAL A 429 -2.48 1.72 11.99
CA VAL A 429 -3.52 2.52 12.63
C VAL A 429 -3.22 4.01 12.49
N LEU A 430 -1.95 4.37 12.29
CA LEU A 430 -1.60 5.77 12.10
C LEU A 430 -1.87 6.26 10.67
N TYR A 431 -2.01 5.34 9.70
CA TYR A 431 -2.13 5.74 8.31
C TYR A 431 -3.30 6.68 8.06
N THR A 432 -4.34 6.62 8.89
CA THR A 432 -5.47 7.54 8.73
C THR A 432 -4.99 8.98 8.70
N TYR A 433 -4.05 9.34 9.58
CA TYR A 433 -3.51 10.70 9.56
C TYR A 433 -2.97 11.04 8.17
N VAL A 434 -2.17 10.16 7.59
CA VAL A 434 -1.66 10.39 6.25
C VAL A 434 -2.81 10.57 5.27
N TYR A 435 -3.83 9.71 5.37
CA TYR A 435 -4.95 9.79 4.45
C TYR A 435 -5.70 11.12 4.62
N PHE A 436 -5.61 11.72 5.81
CA PHE A 436 -6.25 13.00 6.04
C PHE A 436 -5.32 14.19 5.80
N PHE A 437 -4.04 13.95 5.49
CA PHE A 437 -3.10 15.03 5.30
C PHE A 437 -2.21 14.90 4.07
N CYS A 438 -2.18 13.74 3.42
CA CYS A 438 -1.36 13.55 2.22
C CYS A 438 -2.12 12.98 1.03
N MET A 439 -3.28 12.37 1.24
CA MET A 439 -4.06 11.77 0.16
C MET A 439 -5.25 12.62 -0.25
N ILE A 440 -6.04 13.11 0.71
CA ILE A 440 -7.19 13.94 0.37
C ILE A 440 -6.80 15.22 -0.35
N PRO A 441 -5.83 16.02 0.11
CA PRO A 441 -5.41 17.17 -0.69
C PRO A 441 -4.85 16.79 -2.05
N ALA A 442 -4.13 15.66 -2.13
CA ALA A 442 -3.62 15.21 -3.42
C ALA A 442 -4.76 14.85 -4.36
N ARG A 443 -5.79 14.16 -3.85
CA ARG A 443 -6.93 13.82 -4.68
C ARG A 443 -7.68 15.07 -5.14
N ILE A 444 -7.84 16.04 -4.23
CA ILE A 444 -8.52 17.28 -4.60
C ILE A 444 -7.75 18.01 -5.70
N THR A 445 -6.42 18.11 -5.54
CA THR A 445 -5.60 18.73 -6.56
C THR A 445 -5.64 17.99 -7.89
N ALA A 446 -5.73 16.66 -7.85
CA ALA A 446 -5.77 15.89 -9.09
C ALA A 446 -7.01 16.16 -9.92
N MET A 447 -8.12 16.55 -9.29
CA MET A 447 -9.32 16.93 -10.01
C MET A 447 -9.37 18.41 -10.36
N PHE A 448 -8.90 19.28 -9.47
CA PHE A 448 -8.99 20.72 -9.74
C PHE A 448 -8.00 21.19 -10.81
N THR A 449 -7.01 20.37 -11.16
CA THR A 449 -6.05 20.78 -12.19
C THR A 449 -6.21 20.03 -13.50
N MET A 450 -6.91 18.90 -13.50
CA MET A 450 -7.11 18.12 -14.72
C MET A 450 -8.48 18.34 -15.34
N PHE A 451 -9.48 18.72 -14.54
CA PHE A 451 -10.80 19.03 -15.09
C PHE A 451 -10.74 20.20 -16.05
N ASP A 452 -9.94 21.22 -15.72
CA ASP A 452 -9.78 22.39 -16.58
C ASP A 452 -9.22 22.01 -17.94
N ALA A 468 7.27 33.28 -12.05
CA ALA A 468 7.85 32.13 -12.73
C ALA A 468 7.74 30.88 -11.86
N ARG A 469 8.61 30.78 -10.85
CA ARG A 469 8.58 29.64 -9.95
C ARG A 469 7.33 29.62 -9.08
N VAL A 470 6.64 30.76 -8.94
CA VAL A 470 5.43 30.81 -8.12
C VAL A 470 4.36 29.90 -8.69
N TRP A 471 4.16 29.95 -10.02
CA TRP A 471 3.16 29.09 -10.63
C TRP A 471 3.61 27.63 -10.68
N LEU A 472 4.92 27.39 -10.77
CA LEU A 472 5.41 26.02 -10.81
C LEU A 472 5.41 25.36 -9.44
N TRP A 473 5.35 26.14 -8.36
CA TRP A 473 5.32 25.60 -7.01
C TRP A 473 3.95 25.63 -6.37
N ALA A 474 3.13 26.64 -6.66
CA ALA A 474 1.80 26.73 -6.10
C ALA A 474 0.77 25.92 -6.86
N LYS A 475 1.13 25.33 -7.99
CA LYS A 475 0.20 24.49 -8.74
C LYS A 475 0.01 23.11 -8.12
N GLN A 476 0.93 22.70 -7.24
CA GLN A 476 0.87 21.38 -6.62
C GLN A 476 0.89 21.41 -5.10
N PHE A 477 1.05 22.57 -4.48
CA PHE A 477 1.14 22.66 -3.03
C PHE A 477 0.23 23.70 -2.40
N LEU A 478 -0.33 24.63 -3.18
CA LEU A 478 -1.22 25.64 -2.60
C LEU A 478 -2.48 24.99 -2.04
N ILE A 479 -3.02 24.00 -2.75
CA ILE A 479 -4.22 23.31 -2.27
C ILE A 479 -3.93 22.57 -0.98
N THR A 480 -2.75 21.95 -0.88
CA THR A 480 -2.38 21.26 0.35
C THR A 480 -2.26 22.23 1.52
N TYR A 481 -1.63 23.38 1.30
CA TYR A 481 -1.52 24.38 2.35
C TYR A 481 -2.89 24.90 2.76
N MET A 482 -3.77 25.13 1.79
CA MET A 482 -5.12 25.59 2.11
C MET A 482 -5.88 24.53 2.90
N TRP A 483 -5.71 23.26 2.54
CA TRP A 483 -6.38 22.19 3.28
C TRP A 483 -5.86 22.12 4.72
N TRP A 484 -4.55 22.22 4.91
CA TRP A 484 -4.00 22.21 6.26
C TRP A 484 -4.49 23.40 7.07
N ALA A 485 -4.53 24.60 6.45
CA ALA A 485 -5.01 25.78 7.14
C ALA A 485 -6.49 25.64 7.50
N GLY A 486 -7.29 25.07 6.60
CA GLY A 486 -8.69 24.87 6.90
C GLY A 486 -8.92 23.89 8.03
N VAL A 487 -8.14 22.79 8.04
CA VAL A 487 -8.26 21.81 9.13
C VAL A 487 -7.87 22.45 10.46
N LEU A 488 -6.77 23.22 10.47
CA LEU A 488 -6.34 23.88 11.69
C LEU A 488 -7.38 24.90 12.16
N ALA A 489 -7.95 25.66 11.22
CA ALA A 489 -8.97 26.65 11.59
C ALA A 489 -10.22 25.98 12.14
N ALA A 490 -10.64 24.86 11.54
CA ALA A 490 -11.77 24.12 12.08
C ALA A 490 -11.50 23.59 13.47
N GLY A 491 -10.30 23.07 13.72
CA GLY A 491 -9.95 22.60 15.05
C GLY A 491 -9.95 23.71 16.08
N VAL A 492 -9.36 24.86 15.72
CA VAL A 492 -9.34 26.00 16.63
C VAL A 492 -10.75 26.51 16.91
N TYR A 493 -11.59 26.55 15.88
CA TYR A 493 -12.97 26.99 16.06
C TYR A 493 -13.74 26.04 16.97
N SER A 494 -13.55 24.74 16.78
CA SER A 494 -14.22 23.76 17.63
C SER A 494 -13.74 23.84 19.08
N ILE A 495 -12.44 24.10 19.28
CA ILE A 495 -11.93 24.20 20.64
C ILE A 495 -12.42 25.48 21.31
N VAL A 496 -12.41 26.61 20.60
CA VAL A 496 -12.80 27.88 21.19
C VAL A 496 -14.30 27.93 21.46
N ASP A 497 -15.11 27.42 20.51
CA ASP A 497 -16.56 27.46 20.69
C ASP A 497 -17.00 26.64 21.89
N ASN A 498 -16.40 25.47 22.08
CA ASN A 498 -16.69 24.60 23.22
C ASN A 498 -15.54 24.75 24.22
N TRP A 499 -15.62 25.80 25.03
CA TRP A 499 -14.61 26.11 26.04
C TRP A 499 -15.29 26.13 27.40
N TYR A 500 -15.42 24.95 28.01
CA TYR A 500 -16.03 24.83 29.33
C TYR A 500 -15.64 23.48 29.91
N PHE A 501 -15.79 23.36 31.22
CA PHE A 501 -15.48 22.13 31.95
C PHE A 501 -16.64 21.83 32.89
N ASP A 502 -17.51 20.90 32.50
CA ASP A 502 -18.65 20.49 33.31
C ASP A 502 -18.50 19.00 33.59
N TRP A 503 -17.91 18.66 34.74
CA TRP A 503 -17.72 17.27 35.11
C TRP A 503 -18.97 16.62 35.68
N ALA A 504 -20.01 17.40 35.97
CA ALA A 504 -21.26 16.85 36.47
C ALA A 504 -22.11 16.23 35.37
N ASP A 505 -21.74 16.43 34.10
CA ASP A 505 -22.49 15.89 32.97
C ASP A 505 -21.81 14.60 32.50
N ILE A 506 -22.60 13.54 32.33
CA ILE A 506 -22.06 12.25 31.91
C ILE A 506 -21.47 12.28 30.51
N GLN A 507 -22.12 12.96 29.57
CA GLN A 507 -21.66 12.99 28.18
C GLN A 507 -20.37 13.78 28.00
N TYR A 508 -20.19 14.88 28.73
CA TYR A 508 -18.93 15.61 28.68
C TYR A 508 -17.78 14.74 29.20
N ARG A 509 -18.04 14.00 30.28
CA ARG A 509 -17.04 13.05 30.79
C ARG A 509 -16.68 12.03 29.71
N PHE A 510 -17.69 11.50 29.03
CA PHE A 510 -17.44 10.52 27.98
C PHE A 510 -16.56 11.11 26.88
N ALA A 511 -16.91 12.31 26.41
CA ALA A 511 -16.15 12.94 25.33
C ALA A 511 -14.71 13.19 25.74
N LEU A 512 -14.50 13.78 26.92
CA LEU A 512 -13.16 14.12 27.37
C LEU A 512 -12.33 12.86 27.59
N VAL A 513 -12.91 11.84 28.22
CA VAL A 513 -12.19 10.61 28.49
C VAL A 513 -11.84 9.91 27.17
N GLY A 514 -12.77 9.91 26.21
CA GLY A 514 -12.48 9.29 24.93
C GLY A 514 -11.34 9.98 24.19
N ILE A 515 -11.36 11.31 24.17
CA ILE A 515 -10.29 12.03 23.48
C ILE A 515 -8.95 11.83 24.20
N CYS A 516 -8.98 11.79 25.53
CA CYS A 516 -7.74 11.54 26.28
C CYS A 516 -7.20 10.15 26.01
N SER A 517 -8.09 9.14 25.96
CA SER A 517 -7.65 7.78 25.67
C SER A 517 -7.09 7.67 24.25
N TYR A 518 -7.71 8.36 23.29
CA TYR A 518 -7.19 8.34 21.92
C TYR A 518 -5.81 8.97 21.86
N LEU A 519 -5.62 10.10 22.56
CA LEU A 519 -4.31 10.73 22.59
C LEU A 519 -3.27 9.82 23.24
N VAL A 520 -3.64 9.15 24.33
CA VAL A 520 -2.71 8.23 24.97
C VAL A 520 -2.35 7.07 24.03
N PHE A 521 -3.34 6.55 23.31
CA PHE A 521 -3.09 5.46 22.38
C PHE A 521 -2.11 5.88 21.28
N VAL A 522 -2.36 7.04 20.66
CA VAL A 522 -1.44 7.47 19.60
C VAL A 522 -0.06 7.79 20.17
N SER A 523 0.00 8.32 21.39
CA SER A 523 1.29 8.63 22.01
C SER A 523 2.09 7.36 22.28
N ILE A 524 1.44 6.31 22.79
CA ILE A 524 2.16 5.08 23.07
C ILE A 524 2.57 4.39 21.76
N VAL A 525 1.75 4.51 20.72
CA VAL A 525 2.13 3.96 19.42
C VAL A 525 3.38 4.67 18.90
N LEU A 526 3.42 5.99 19.00
CA LEU A 526 4.58 6.74 18.55
C LEU A 526 5.81 6.43 19.39
N VAL A 527 5.62 6.23 20.70
CA VAL A 527 6.74 5.87 21.57
C VAL A 527 7.30 4.50 21.20
N ILE A 528 6.41 3.55 20.90
CA ILE A 528 6.85 2.23 20.45
C ILE A 528 7.62 2.34 19.15
N TYR A 529 7.14 3.18 18.23
CA TYR A 529 7.86 3.39 16.96
C TYR A 529 9.24 3.97 17.21
N LEU A 530 9.35 4.96 18.11
CA LEU A 530 10.64 5.56 18.40
C LEU A 530 11.60 4.54 19.02
N ILE A 531 11.11 3.72 19.95
CA ILE A 531 11.95 2.71 20.58
C ILE A 531 12.40 1.68 19.54
N GLY A 532 11.50 1.29 18.63
CA GLY A 532 11.90 0.38 17.58
C GLY A 532 12.96 0.96 16.65
N LYS A 533 12.80 2.25 16.30
CA LYS A 533 13.80 2.89 15.45
C LYS A 533 15.15 2.98 16.14
N ILE A 534 15.16 3.31 17.43
CA ILE A 534 16.42 3.37 18.18
C ILE A 534 17.08 2.00 18.23
N THR A 535 16.28 0.95 18.46
CA THR A 535 16.77 -0.42 18.51
C THR A 535 16.98 -1.00 17.11
N THR A 536 16.59 -0.26 16.06
CA THR A 536 16.60 -0.73 14.68
C THR A 536 15.72 -1.95 14.47
N TRP A 537 14.65 -2.07 15.26
CA TRP A 537 13.69 -3.15 15.09
C TRP A 537 12.80 -2.96 13.88
N ASN A 538 12.61 -1.73 13.42
CA ASN A 538 11.78 -1.45 12.26
C ASN A 538 12.48 -1.71 10.94
N TYR A 539 13.78 -2.00 10.96
CA TYR A 539 14.52 -2.23 9.73
C TYR A 539 14.18 -3.60 9.15
N THR A 540 13.83 -3.64 7.88
CA THR A 540 13.60 -4.90 7.21
C THR A 540 14.92 -5.64 7.00
N PRO A 541 14.88 -6.98 6.94
CA PRO A 541 16.14 -7.72 6.70
C PRO A 541 16.84 -7.31 5.42
N LEU A 542 16.07 -7.02 4.37
CA LEU A 542 16.68 -6.53 3.13
C LEU A 542 17.38 -5.20 3.34
N GLN A 543 16.75 -4.29 4.09
CA GLN A 543 17.40 -3.02 4.40
C GLN A 543 18.64 -3.24 5.27
N LYS A 544 18.56 -4.17 6.21
CA LYS A 544 19.72 -4.47 7.06
C LYS A 544 20.90 -4.99 6.23
N GLU A 545 20.63 -5.84 5.24
CA GLU A 545 21.69 -6.31 4.36
C GLU A 545 22.20 -5.20 3.44
N LEU A 546 21.29 -4.37 2.92
CA LEU A 546 21.69 -3.33 1.97
C LEU A 546 22.54 -2.26 2.65
N ILE A 547 22.25 -1.93 3.90
CA ILE A 547 23.05 -0.95 4.62
C ILE A 547 24.49 -1.47 4.79
N GLU A 548 24.64 -2.73 5.15
CA GLU A 548 25.96 -3.32 5.29
C GLU A 548 26.69 -3.36 3.95
N GLU A 549 25.98 -3.70 2.88
CA GLU A 549 26.60 -3.72 1.56
C GLU A 549 27.06 -2.32 1.15
N ARG A 550 26.24 -1.30 1.42
CA ARG A 550 26.62 0.07 1.11
C ARG A 550 27.84 0.49 1.92
N TYR A 551 27.89 0.11 3.20
CA TYR A 551 29.07 0.41 4.02
C TYR A 551 30.31 -0.28 3.46
N LEU A 552 30.17 -1.54 3.05
CA LEU A 552 31.32 -2.28 2.53
C LEU A 552 31.85 -1.66 1.23
N HIS A 553 30.98 -1.00 0.46
CA HIS A 553 31.39 -0.37 -0.78
C HIS A 553 32.25 0.86 -0.51
N GLN B 1 -18.38 36.80 31.97
CA GLN B 1 -19.50 37.25 32.78
C GLN B 1 -20.81 37.18 32.00
N VAL B 2 -21.88 36.78 32.68
CA VAL B 2 -23.20 36.64 32.08
C VAL B 2 -24.21 37.34 32.99
N GLN B 3 -25.20 37.99 32.39
CA GLN B 3 -26.26 38.68 33.13
C GLN B 3 -27.57 37.94 32.94
N LEU B 4 -28.21 37.60 34.05
CA LEU B 4 -29.44 36.81 34.05
C LEU B 4 -30.63 37.70 34.40
N VAL B 5 -31.67 37.66 33.56
CA VAL B 5 -32.90 38.41 33.80
C VAL B 5 -34.06 37.43 33.82
N GLU B 6 -34.88 37.51 34.87
CA GLU B 6 -36.00 36.60 35.04
C GLU B 6 -37.23 37.13 34.32
N SER B 7 -38.17 36.22 34.05
CA SER B 7 -39.44 36.59 33.42
C SER B 7 -40.45 35.50 33.69
N GLY B 8 -41.72 35.89 33.73
CA GLY B 8 -42.79 34.99 34.06
C GLY B 8 -43.09 34.98 35.55
N GLY B 9 -44.05 34.15 35.92
CA GLY B 9 -44.47 34.04 37.29
C GLY B 9 -45.71 34.85 37.59
N GLY B 10 -46.52 34.34 38.51
CA GLY B 10 -47.75 35.03 38.87
C GLY B 10 -48.57 34.18 39.82
N LEU B 11 -49.78 34.67 40.08
CA LEU B 11 -50.71 33.97 40.97
C LEU B 11 -51.51 32.95 40.19
N VAL B 12 -51.40 31.68 40.60
CA VAL B 12 -52.11 30.58 39.95
C VAL B 12 -52.73 29.71 41.03
N GLN B 13 -53.99 29.32 40.82
CA GLN B 13 -54.70 28.49 41.78
C GLN B 13 -54.08 27.10 41.83
N ALA B 14 -54.42 26.36 42.89
CA ALA B 14 -53.89 25.01 43.08
C ALA B 14 -54.30 24.11 41.93
N GLY B 15 -53.37 23.28 41.48
CA GLY B 15 -53.60 22.39 40.36
C GLY B 15 -53.42 23.00 39.00
N GLY B 16 -52.96 24.25 38.91
CA GLY B 16 -52.76 24.93 37.65
C GLY B 16 -51.39 24.66 37.06
N SER B 17 -51.05 25.47 36.04
CA SER B 17 -49.78 25.37 35.35
C SER B 17 -49.15 26.76 35.27
N LEU B 18 -47.82 26.79 35.29
CA LEU B 18 -47.11 28.06 35.25
C LEU B 18 -45.75 27.87 34.56
N LYS B 19 -45.41 28.79 33.67
CA LYS B 19 -44.14 28.76 32.97
C LYS B 19 -43.34 30.01 33.31
N VAL B 20 -42.08 29.81 33.71
CA VAL B 20 -41.16 30.90 33.96
C VAL B 20 -39.94 30.68 33.07
N SER B 21 -39.15 31.73 32.88
CA SER B 21 -37.96 31.59 32.04
C SER B 21 -36.95 32.67 32.41
N CYS B 22 -35.68 32.30 32.37
CA CYS B 22 -34.61 33.27 32.58
C CYS B 22 -33.79 33.38 31.29
N ALA B 23 -33.47 34.62 30.94
CA ALA B 23 -32.69 34.92 29.74
C ALA B 23 -31.31 35.39 30.15
N ALA B 24 -30.29 34.91 29.46
CA ALA B 24 -28.90 35.21 29.78
C ALA B 24 -28.28 36.04 28.66
N SER B 25 -27.58 37.09 29.04
CA SER B 25 -26.82 37.92 28.11
C SER B 25 -25.33 37.69 28.37
N GLY B 26 -24.62 37.23 27.35
CA GLY B 26 -23.21 36.91 27.49
C GLY B 26 -22.61 36.59 26.15
N ARG B 27 -21.29 36.36 26.17
CA ARG B 27 -20.57 36.11 24.92
C ARG B 27 -21.02 34.79 24.29
N ALA B 28 -21.18 33.74 25.09
CA ALA B 28 -21.52 32.41 24.58
C ALA B 28 -22.41 31.71 25.58
N PHE B 29 -23.71 31.67 25.28
CA PHE B 29 -24.69 31.00 26.15
C PHE B 29 -24.69 29.48 25.99
N LYS B 30 -24.15 28.96 24.88
CA LYS B 30 -24.22 27.53 24.62
C LYS B 30 -23.46 26.74 25.67
N THR B 31 -22.26 27.21 26.05
CA THR B 31 -21.42 26.48 26.98
C THR B 31 -21.92 26.55 28.42
N TYR B 32 -22.77 27.52 28.75
CA TYR B 32 -23.22 27.67 30.13
C TYR B 32 -24.21 26.58 30.50
N ARG B 33 -24.18 26.18 31.77
CA ARG B 33 -25.13 25.24 32.34
C ARG B 33 -26.08 26.00 33.25
N MET B 34 -27.38 25.81 33.05
CA MET B 34 -28.40 26.57 33.74
C MET B 34 -29.00 25.75 34.87
N ALA B 35 -29.51 26.46 35.89
CA ALA B 35 -30.13 25.81 37.02
C ALA B 35 -31.20 26.72 37.60
N TRP B 36 -32.21 26.09 38.19
CA TRP B 36 -33.32 26.78 38.85
C TRP B 36 -33.36 26.34 40.30
N PHE B 37 -33.32 27.32 41.20
CA PHE B 37 -33.29 27.12 42.64
C PHE B 37 -34.53 27.75 43.28
N ARG B 38 -34.91 27.21 44.44
CA ARG B 38 -36.09 27.64 45.18
C ARG B 38 -35.69 28.14 46.56
N GLN B 39 -36.32 29.23 46.99
CA GLN B 39 -36.18 29.76 48.35
C GLN B 39 -37.57 29.81 48.95
N ALA B 40 -37.84 28.90 49.88
CA ALA B 40 -39.14 28.77 50.51
C ALA B 40 -39.30 29.83 51.59
N PRO B 41 -40.50 29.98 52.16
CA PRO B 41 -40.64 30.87 53.32
C PRO B 41 -39.73 30.51 54.48
N GLY B 42 -39.34 29.23 54.59
CA GLY B 42 -38.33 28.84 55.56
C GLY B 42 -36.95 29.41 55.28
N LYS B 43 -36.74 29.99 54.10
CA LYS B 43 -35.50 30.65 53.72
C LYS B 43 -34.32 29.68 53.77
N GLU B 44 -34.40 28.65 52.93
CA GLU B 44 -33.32 27.68 52.75
C GLU B 44 -33.25 27.34 51.27
N ARG B 45 -32.29 27.94 50.57
CA ARG B 45 -32.15 27.73 49.14
C ARG B 45 -31.82 26.27 48.83
N GLU B 46 -32.47 25.72 47.81
CA GLU B 46 -32.26 24.33 47.43
C GLU B 46 -32.35 24.20 45.92
N PHE B 47 -31.66 23.19 45.40
CA PHE B 47 -31.71 22.89 43.97
C PHE B 47 -33.08 22.36 43.59
N VAL B 48 -33.56 22.77 42.41
CA VAL B 48 -34.88 22.34 41.94
C VAL B 48 -34.73 21.69 40.57
N SER B 49 -34.08 22.38 39.64
CA SER B 49 -33.91 21.81 38.30
C SER B 49 -32.59 22.28 37.71
N GLY B 50 -32.13 21.57 36.68
CA GLY B 50 -30.91 21.96 36.00
C GLY B 50 -30.85 21.40 34.61
N ILE B 51 -30.17 22.12 33.72
CA ILE B 51 -29.95 21.68 32.35
C ILE B 51 -28.49 21.97 31.99
N SER B 52 -27.81 20.95 31.45
CA SER B 52 -26.41 21.10 31.09
C SER B 52 -26.27 21.66 29.69
N ALA B 53 -25.01 21.92 29.30
CA ALA B 53 -24.73 22.42 27.97
C ALA B 53 -25.02 21.40 26.88
N LEU B 54 -25.08 20.11 27.24
CA LEU B 54 -25.36 19.04 26.29
C LEU B 54 -26.79 18.54 26.37
N GLU B 55 -27.73 19.41 26.77
CA GLU B 55 -29.16 19.10 26.81
C GLU B 55 -29.44 17.87 27.67
N THR B 56 -28.86 17.86 28.87
CA THR B 56 -29.12 16.83 29.86
C THR B 56 -29.90 17.46 31.02
N THR B 57 -31.05 16.88 31.35
CA THR B 57 -31.95 17.44 32.35
C THR B 57 -31.77 16.72 33.68
N TYR B 58 -31.61 17.49 34.75
CA TYR B 58 -31.49 16.98 36.10
C TYR B 58 -32.62 17.54 36.94
N TYR B 59 -33.34 16.66 37.63
CA TYR B 59 -34.49 17.04 38.44
C TYR B 59 -34.29 16.56 39.87
N ALA B 60 -34.79 17.35 40.81
CA ALA B 60 -34.75 16.98 42.22
C ALA B 60 -35.86 15.98 42.54
N ASP B 61 -35.87 15.51 43.78
CA ASP B 61 -36.89 14.57 44.21
C ASP B 61 -38.25 15.26 44.27
N SER B 62 -39.31 14.49 44.00
CA SER B 62 -40.72 14.88 44.01
C SER B 62 -41.08 15.82 42.87
N VAL B 63 -40.14 16.19 42.01
CA VAL B 63 -40.42 17.05 40.87
C VAL B 63 -39.88 16.40 39.60
N LYS B 64 -39.76 15.07 39.62
CA LYS B 64 -39.21 14.36 38.47
C LYS B 64 -40.08 14.53 37.23
N GLY B 65 -41.39 14.44 37.39
CA GLY B 65 -42.30 14.54 36.27
C GLY B 65 -43.15 15.80 36.27
N ARG B 66 -43.36 16.38 37.46
CA ARG B 66 -44.18 17.57 37.57
C ARG B 66 -43.52 18.76 36.88
N PHE B 67 -42.19 18.88 36.99
CA PHE B 67 -41.46 20.01 36.44
C PHE B 67 -40.74 19.59 35.16
N THR B 68 -40.78 20.45 34.14
CA THR B 68 -40.08 20.19 32.90
C THR B 68 -39.22 21.41 32.54
N ILE B 69 -37.96 21.17 32.25
CA ILE B 69 -37.01 22.24 31.94
C ILE B 69 -36.60 22.12 30.48
N SER B 70 -36.57 23.26 29.79
CA SER B 70 -36.20 23.32 28.38
C SER B 70 -35.25 24.48 28.17
N ARG B 71 -34.43 24.37 27.12
CA ARG B 71 -33.42 25.36 26.79
C ARG B 71 -33.54 25.72 25.32
N ASP B 72 -33.35 27.00 25.01
CA ASP B 72 -33.42 27.48 23.63
C ASP B 72 -32.25 28.42 23.38
N ASN B 73 -31.30 27.99 22.54
CA ASN B 73 -30.12 28.78 22.25
C ASN B 73 -30.41 29.92 21.28
N THR B 74 -31.44 29.79 20.44
CA THR B 74 -31.76 30.85 19.49
C THR B 74 -32.14 32.13 20.21
N LYS B 75 -32.95 32.03 21.26
CA LYS B 75 -33.24 33.15 22.16
C LYS B 75 -32.50 33.01 23.47
N ASN B 76 -31.47 32.15 23.52
CA ASN B 76 -30.54 31.97 24.64
C ASN B 76 -31.21 32.12 26.00
N THR B 77 -32.34 31.42 26.16
CA THR B 77 -33.11 31.45 27.39
C THR B 77 -33.50 30.05 27.81
N VAL B 78 -33.65 29.84 29.11
CA VAL B 78 -34.05 28.54 29.66
C VAL B 78 -35.36 28.71 30.42
N SER B 79 -36.33 27.85 30.13
CA SER B 79 -37.67 27.96 30.66
C SER B 79 -38.06 26.71 31.45
N LEU B 80 -38.67 26.93 32.61
CA LEU B 80 -39.17 25.86 33.46
C LEU B 80 -40.69 25.94 33.50
N GLN B 81 -41.34 24.81 33.23
CA GLN B 81 -42.79 24.69 33.26
C GLN B 81 -43.18 23.76 34.40
N MET B 82 -44.03 24.25 35.29
CA MET B 82 -44.50 23.51 36.45
C MET B 82 -45.99 23.25 36.35
N ASP B 83 -46.38 22.01 36.66
CA ASP B 83 -47.77 21.58 36.62
C ASP B 83 -48.12 20.95 37.96
N SER B 84 -49.42 20.91 38.25
CA SER B 84 -49.95 20.38 39.51
C SER B 84 -49.32 21.10 40.70
N LEU B 85 -49.62 22.40 40.78
CA LEU B 85 -49.05 23.23 41.84
C LEU B 85 -49.56 22.77 43.20
N LYS B 86 -48.71 22.91 44.21
CA LYS B 86 -48.98 22.47 45.57
C LYS B 86 -48.75 23.64 46.52
N PRO B 87 -49.38 23.60 47.70
CA PRO B 87 -49.25 24.75 48.63
C PRO B 87 -47.82 25.03 49.04
N GLU B 88 -46.97 24.00 49.10
CA GLU B 88 -45.57 24.21 49.48
C GLU B 88 -44.75 24.85 48.37
N ASP B 89 -45.29 25.00 47.16
CA ASP B 89 -44.52 25.50 46.04
C ASP B 89 -44.39 27.02 46.05
N THR B 90 -45.18 27.72 46.86
CA THR B 90 -45.07 29.18 46.94
C THR B 90 -43.71 29.58 47.50
N ALA B 91 -42.89 30.22 46.66
CA ALA B 91 -41.50 30.49 47.02
C ALA B 91 -40.91 31.45 45.99
N VAL B 92 -39.63 31.79 46.18
CA VAL B 92 -38.92 32.65 45.26
C VAL B 92 -37.99 31.78 44.41
N TYR B 93 -38.12 31.91 43.08
CA TYR B 93 -37.33 31.11 42.15
C TYR B 93 -36.18 31.95 41.60
N TYR B 94 -34.99 31.36 41.56
CA TYR B 94 -33.81 32.01 41.02
C TYR B 94 -33.20 31.17 39.90
N CYS B 95 -32.66 31.85 38.91
CA CYS B 95 -31.95 31.21 37.81
C CYS B 95 -30.45 31.48 37.97
N ALA B 96 -29.65 30.43 37.86
CA ALA B 96 -28.20 30.52 38.01
C ALA B 96 -27.52 29.87 36.82
N ALA B 97 -26.32 30.35 36.50
CA ALA B 97 -25.56 29.84 35.38
C ALA B 97 -24.14 29.52 35.82
N ARG B 98 -23.54 28.51 35.18
CA ARG B 98 -22.21 28.06 35.50
C ARG B 98 -21.43 27.80 34.21
N ARG B 99 -20.12 27.99 34.27
CA ARG B 99 -19.26 27.67 33.14
C ARG B 99 -18.22 26.60 33.46
N TYR B 100 -17.60 26.66 34.63
CA TYR B 100 -16.62 25.67 35.07
C TYR B 100 -17.08 25.07 36.38
N GLY B 101 -17.05 23.74 36.46
CA GLY B 101 -17.48 23.07 37.68
C GLY B 101 -17.03 21.63 37.68
N GLY B 102 -17.33 20.95 38.78
CA GLY B 102 -16.96 19.57 38.94
C GLY B 102 -18.14 18.64 39.16
N THR B 103 -17.95 17.63 40.02
CA THR B 103 -19.03 16.69 40.29
C THR B 103 -20.19 17.34 41.05
N ASP B 104 -19.90 18.38 41.84
CA ASP B 104 -20.92 19.03 42.66
C ASP B 104 -21.76 19.97 41.80
N TYR B 105 -23.07 19.72 41.75
CA TYR B 105 -23.99 20.60 41.04
C TYR B 105 -25.24 20.95 41.83
N THR B 106 -25.47 20.33 42.98
CA THR B 106 -26.62 20.60 43.81
C THR B 106 -26.40 21.73 44.80
N THR B 107 -25.16 22.18 44.98
CA THR B 107 -24.85 23.21 45.97
C THR B 107 -24.99 24.59 45.36
N THR B 108 -25.49 25.53 46.15
CA THR B 108 -25.67 26.90 45.67
C THR B 108 -24.33 27.57 45.39
N GLY B 109 -23.31 27.24 46.18
CA GLY B 109 -22.01 27.88 46.02
C GLY B 109 -21.25 27.44 44.79
N SER B 110 -21.68 26.37 44.13
CA SER B 110 -21.00 25.87 42.95
C SER B 110 -21.33 26.65 41.69
N TYR B 111 -22.32 27.55 41.75
CA TYR B 111 -22.72 28.36 40.59
C TYR B 111 -22.18 29.77 40.76
N ASP B 112 -21.43 30.23 39.77
CA ASP B 112 -20.75 31.52 39.87
C ASP B 112 -21.74 32.68 39.76
N TYR B 113 -22.66 32.61 38.80
CA TYR B 113 -23.56 33.72 38.52
C TYR B 113 -24.96 33.42 39.04
N TRP B 114 -25.70 34.48 39.36
CA TRP B 114 -27.04 34.36 39.92
C TRP B 114 -27.95 35.40 39.27
N GLY B 115 -29.25 35.29 39.58
CA GLY B 115 -30.24 36.19 39.04
C GLY B 115 -31.08 36.81 40.14
N GLN B 116 -31.90 37.79 39.74
CA GLN B 116 -32.75 38.48 40.70
C GLN B 116 -33.80 37.55 41.30
N GLY B 117 -34.42 36.71 40.48
CA GLY B 117 -35.45 35.80 40.94
C GLY B 117 -36.82 36.46 41.00
N THR B 118 -37.85 35.62 40.94
CA THR B 118 -39.23 36.08 40.97
C THR B 118 -40.01 35.27 41.99
N GLN B 119 -40.99 35.93 42.62
CA GLN B 119 -41.82 35.32 43.63
C GLN B 119 -43.04 34.68 42.97
N VAL B 120 -43.26 33.41 43.26
CA VAL B 120 -44.41 32.67 42.75
C VAL B 120 -45.25 32.26 43.95
N THR B 121 -46.53 32.64 43.93
CA THR B 121 -47.46 32.34 45.02
C THR B 121 -48.60 31.49 44.49
N VAL B 122 -49.01 30.50 45.29
CA VAL B 122 -50.08 29.57 44.94
C VAL B 122 -51.18 29.70 45.98
N SER B 123 -52.42 29.87 45.51
CA SER B 123 -53.58 29.98 46.37
C SER B 123 -54.40 28.70 46.29
N SER B 124 -54.75 28.15 47.45
CA SER B 124 -55.52 26.91 47.50
C SER B 124 -57.02 27.19 47.45
N GLN C 1 37.18 -13.97 -11.71
CA GLN C 1 36.29 -13.57 -10.63
C GLN C 1 35.96 -14.77 -9.74
N VAL C 2 35.86 -15.95 -10.34
CA VAL C 2 35.58 -17.20 -9.64
C VAL C 2 36.76 -18.13 -9.86
N GLN C 3 37.14 -18.86 -8.81
CA GLN C 3 38.24 -19.81 -8.88
C GLN C 3 37.71 -21.20 -8.57
N LEU C 4 37.97 -22.15 -9.47
CA LEU C 4 37.47 -23.51 -9.36
C LEU C 4 38.62 -24.46 -9.03
N VAL C 5 38.46 -25.23 -7.96
CA VAL C 5 39.46 -26.23 -7.56
C VAL C 5 38.76 -27.57 -7.41
N GLU C 6 39.26 -28.59 -8.10
CA GLU C 6 38.67 -29.92 -8.07
C GLU C 6 39.63 -30.88 -7.38
N SER C 7 39.09 -31.73 -6.51
CA SER C 7 39.87 -32.70 -5.76
C SER C 7 39.24 -34.08 -5.91
N GLY C 8 40.08 -35.10 -5.79
CA GLY C 8 39.68 -36.48 -5.95
C GLY C 8 40.31 -37.12 -7.17
N GLY C 9 40.11 -38.42 -7.27
CA GLY C 9 40.63 -39.18 -8.39
C GLY C 9 41.93 -39.89 -8.04
N GLY C 10 42.20 -40.96 -8.77
CA GLY C 10 43.41 -41.73 -8.55
C GLY C 10 43.32 -43.07 -9.26
N LEU C 11 44.40 -43.84 -9.11
CA LEU C 11 44.45 -45.17 -9.71
C LEU C 11 43.58 -46.13 -8.92
N VAL C 12 42.54 -46.66 -9.58
CA VAL C 12 41.57 -47.53 -8.93
C VAL C 12 41.23 -48.66 -9.90
N GLN C 13 41.03 -49.85 -9.35
CA GLN C 13 40.64 -51.01 -10.14
C GLN C 13 39.31 -50.73 -10.86
N ALA C 14 38.97 -51.61 -11.81
CA ALA C 14 37.76 -51.43 -12.59
C ALA C 14 36.53 -51.38 -11.71
N GLY C 15 36.50 -52.18 -10.65
CA GLY C 15 35.39 -52.15 -9.71
C GLY C 15 35.59 -51.13 -8.61
N GLY C 16 34.82 -50.05 -8.64
CA GLY C 16 34.96 -49.02 -7.63
C GLY C 16 33.96 -47.91 -7.87
N SER C 17 34.04 -46.89 -7.02
CA SER C 17 33.13 -45.74 -7.10
C SER C 17 33.92 -44.51 -6.66
N LEU C 18 34.31 -43.68 -7.63
CA LEU C 18 35.06 -42.47 -7.34
C LEU C 18 34.13 -41.34 -6.93
N ARG C 19 34.73 -40.29 -6.38
CA ARG C 19 34.00 -39.10 -5.93
C ARG C 19 34.90 -37.89 -6.12
N LEU C 20 34.52 -37.00 -7.04
CA LEU C 20 35.28 -35.79 -7.32
C LEU C 20 34.50 -34.57 -6.83
N ALA C 21 35.14 -33.74 -6.02
CA ALA C 21 34.51 -32.57 -5.43
C ALA C 21 35.13 -31.31 -6.02
N CYS C 22 34.29 -30.47 -6.63
CA CYS C 22 34.73 -29.22 -7.21
C CYS C 22 34.16 -28.07 -6.38
N ALA C 23 35.05 -27.23 -5.87
CA ALA C 23 34.67 -26.09 -5.04
C ALA C 23 34.99 -24.79 -5.78
N ALA C 24 34.05 -23.86 -5.76
CA ALA C 24 34.19 -22.58 -6.44
C ALA C 24 34.22 -21.46 -5.41
N SER C 25 35.23 -20.60 -5.49
CA SER C 25 35.33 -19.41 -4.66
C SER C 25 34.91 -18.21 -5.50
N GLY C 26 33.90 -17.49 -5.02
CA GLY C 26 33.31 -16.40 -5.76
C GLY C 26 31.79 -16.43 -5.64
N ARG C 27 31.10 -15.89 -6.65
CA ARG C 27 29.64 -15.90 -6.68
C ARG C 27 29.17 -16.66 -7.92
N ILE C 28 28.21 -17.56 -7.74
CA ILE C 28 27.70 -18.37 -8.84
C ILE C 28 26.39 -17.83 -9.41
N PHE C 29 25.67 -16.97 -8.66
CA PHE C 29 24.45 -16.30 -9.10
C PHE C 29 23.31 -17.26 -9.39
N SER C 30 23.45 -18.54 -9.04
CA SER C 30 22.38 -19.54 -9.19
C SER C 30 21.89 -19.67 -10.63
N SER C 31 22.71 -19.25 -11.59
CA SER C 31 22.33 -19.36 -13.00
C SER C 31 23.46 -19.89 -13.88
N ASP C 32 24.70 -19.93 -13.41
CA ASP C 32 25.78 -20.49 -14.21
C ASP C 32 25.66 -22.00 -14.31
N THR C 33 26.10 -22.54 -15.43
CA THR C 33 26.07 -23.98 -15.68
C THR C 33 27.44 -24.57 -15.37
N LEU C 34 27.48 -25.56 -14.47
CA LEU C 34 28.72 -26.22 -14.10
C LEU C 34 28.78 -27.57 -14.80
N ALA C 35 29.93 -27.86 -15.41
CA ALA C 35 30.08 -29.04 -16.25
C ALA C 35 31.41 -29.73 -15.96
N TRP C 36 31.46 -31.01 -16.31
CA TRP C 36 32.67 -31.81 -16.22
C TRP C 36 33.10 -32.21 -17.63
N PHE C 37 34.39 -32.05 -17.91
CA PHE C 37 34.95 -32.37 -19.21
C PHE C 37 36.03 -33.43 -19.07
N ARG C 38 36.03 -34.40 -19.98
CA ARG C 38 36.95 -35.53 -19.93
C ARG C 38 37.99 -35.38 -21.03
N ARG C 39 39.26 -35.61 -20.68
CA ARG C 39 40.38 -35.52 -21.63
C ARG C 39 41.22 -36.78 -21.47
N ALA C 40 41.02 -37.74 -22.38
CA ALA C 40 41.84 -38.94 -22.40
C ALA C 40 43.20 -38.62 -23.03
N PRO C 41 44.23 -39.39 -22.69
CA PRO C 41 45.54 -39.18 -23.32
C PRO C 41 45.46 -39.35 -24.83
N GLY C 42 46.05 -38.40 -25.54
CA GLY C 42 46.01 -38.39 -26.99
C GLY C 42 44.70 -37.94 -27.60
N LYS C 43 43.76 -37.48 -26.79
CA LYS C 43 42.45 -37.05 -27.26
C LYS C 43 42.21 -35.59 -26.85
N GLU C 44 41.00 -35.12 -27.09
CA GLU C 44 40.60 -33.76 -26.77
C GLU C 44 39.49 -33.77 -25.71
N ARG C 45 39.19 -32.59 -25.18
CA ARG C 45 38.15 -32.46 -24.16
C ARG C 45 36.80 -32.86 -24.73
N GLU C 46 36.06 -33.66 -23.97
CA GLU C 46 34.74 -34.12 -24.38
C GLU C 46 33.75 -33.93 -23.24
N PHE C 47 32.49 -33.71 -23.62
CA PHE C 47 31.43 -33.48 -22.64
C PHE C 47 31.13 -34.76 -21.87
N VAL C 48 30.88 -34.61 -20.57
CA VAL C 48 30.51 -35.73 -19.72
C VAL C 48 29.16 -35.45 -19.06
N ALA C 49 29.06 -34.34 -18.33
CA ALA C 49 27.83 -33.98 -17.65
C ALA C 49 27.84 -32.48 -17.37
N ALA C 50 26.66 -31.94 -17.14
CA ALA C 50 26.49 -30.53 -16.81
C ALA C 50 25.19 -30.35 -16.05
N SER C 51 25.10 -29.23 -15.34
CA SER C 51 23.89 -28.93 -14.58
C SER C 51 23.90 -27.45 -14.22
N ARG C 52 22.70 -26.85 -14.20
CA ARG C 52 22.56 -25.50 -13.71
C ARG C 52 22.69 -25.48 -12.18
N TRP C 53 23.12 -24.33 -11.65
CA TRP C 53 23.26 -24.21 -10.20
C TRP C 53 21.92 -24.34 -9.50
N SER C 54 20.86 -23.76 -10.07
CA SER C 54 19.54 -23.85 -9.47
C SER C 54 19.01 -25.28 -9.53
N GLY C 55 18.86 -25.82 -10.73
CA GLY C 55 18.34 -27.16 -10.89
C GLY C 55 18.37 -27.58 -12.35
N GLY C 56 18.13 -28.86 -12.57
CA GLY C 56 18.13 -29.41 -13.91
C GLY C 56 18.80 -30.78 -13.97
N GLY C 57 19.74 -30.95 -14.90
CA GLY C 57 20.47 -32.19 -15.01
C GLY C 57 20.53 -32.74 -16.43
N THR C 58 21.74 -33.01 -16.91
CA THR C 58 21.93 -33.55 -18.25
C THR C 58 23.27 -34.31 -18.27
N ASP C 59 23.19 -35.64 -18.29
CA ASP C 59 24.37 -36.47 -18.28
C ASP C 59 24.75 -36.87 -19.71
N TYR C 60 25.78 -37.72 -19.82
CA TYR C 60 26.26 -38.23 -21.11
C TYR C 60 26.63 -37.10 -22.06
N LYS C 65 23.44 -41.88 -19.90
CA LYS C 65 24.28 -42.84 -19.19
C LYS C 65 23.48 -43.62 -18.15
N GLY C 66 22.90 -42.90 -17.20
CA GLY C 66 22.14 -43.52 -16.13
C GLY C 66 22.95 -44.05 -14.98
N ARG C 67 24.28 -43.94 -15.03
CA ARG C 67 25.16 -44.40 -13.97
C ARG C 67 25.87 -43.28 -13.24
N PHE C 68 26.03 -42.12 -13.87
CA PHE C 68 26.62 -40.98 -13.20
C PHE C 68 25.56 -40.20 -12.42
N THR C 69 25.99 -39.56 -11.33
CA THR C 69 25.10 -38.78 -10.49
C THR C 69 25.74 -37.44 -10.17
N PHE C 70 24.93 -36.39 -10.21
CA PHE C 70 25.36 -35.01 -10.02
C PHE C 70 24.76 -34.49 -8.72
N SER C 71 25.58 -33.86 -7.88
CA SER C 71 25.09 -33.30 -6.64
C SER C 71 25.67 -31.92 -6.43
N ARG C 72 24.84 -31.02 -5.91
CA ARG C 72 25.27 -29.65 -5.60
C ARG C 72 24.87 -29.31 -4.18
N ASP C 73 25.84 -28.87 -3.38
CA ASP C 73 25.54 -28.47 -2.01
C ASP C 73 24.65 -27.23 -1.96
N ASN C 74 24.93 -26.27 -2.85
CA ASN C 74 24.20 -25.02 -3.00
C ASN C 74 24.32 -24.10 -1.79
N THR C 75 25.11 -24.47 -0.78
CA THR C 75 25.30 -23.65 0.40
C THR C 75 26.74 -23.23 0.63
N PHE C 76 27.70 -24.13 0.41
CA PHE C 76 29.11 -23.83 0.58
C PHE C 76 29.81 -23.58 -0.76
N ASN C 77 29.05 -23.37 -1.82
CA ASN C 77 29.59 -23.11 -3.16
C ASN C 77 30.51 -24.24 -3.62
N THR C 78 30.11 -25.48 -3.31
CA THR C 78 30.84 -26.66 -3.74
C THR C 78 29.85 -27.71 -4.24
N MET C 79 30.34 -28.63 -5.05
CA MET C 79 29.49 -29.67 -5.62
C MET C 79 30.31 -30.92 -5.89
N CYS C 80 29.62 -32.02 -6.15
CA CYS C 80 30.26 -33.33 -6.26
C CYS C 80 29.71 -34.11 -7.45
N LEU C 81 30.59 -34.92 -8.04
CA LEU C 81 30.24 -35.88 -9.07
C LEU C 81 30.78 -37.25 -8.68
N GLU C 82 29.91 -38.26 -8.73
CA GLU C 82 30.28 -39.62 -8.38
C GLU C 82 30.29 -40.51 -9.60
N MET C 83 30.99 -41.63 -9.49
CA MET C 83 31.09 -42.60 -10.56
C MET C 83 30.70 -43.98 -10.04
N ASN C 84 30.16 -44.80 -10.94
CA ASN C 84 29.75 -46.16 -10.62
C ASN C 84 30.14 -47.08 -11.76
N SER C 85 30.67 -48.26 -11.43
CA SER C 85 31.06 -49.27 -12.41
C SER C 85 32.05 -48.70 -13.43
N LEU C 86 33.22 -48.35 -12.92
CA LEU C 86 34.27 -47.77 -13.74
C LEU C 86 34.73 -48.77 -14.81
N LYS C 87 35.18 -48.24 -15.94
CA LYS C 87 35.69 -49.00 -17.06
C LYS C 87 37.17 -48.73 -17.24
N PRO C 88 37.92 -49.69 -17.79
CA PRO C 88 39.36 -49.44 -18.03
C PRO C 88 39.63 -48.26 -18.96
N GLU C 89 38.73 -48.00 -19.91
CA GLU C 89 38.89 -46.86 -20.82
C GLU C 89 38.42 -45.55 -20.21
N ASP C 90 37.78 -45.59 -19.04
CA ASP C 90 37.25 -44.37 -18.45
C ASP C 90 38.33 -43.49 -17.84
N THR C 91 39.55 -44.01 -17.63
CA THR C 91 40.59 -43.22 -17.02
C THR C 91 41.01 -42.07 -17.93
N ALA C 92 41.04 -40.87 -17.38
CA ALA C 92 41.35 -39.65 -18.14
C ALA C 92 41.51 -38.52 -17.13
N VAL C 93 41.68 -37.31 -17.66
CA VAL C 93 41.80 -36.10 -16.85
C VAL C 93 40.45 -35.40 -16.84
N TYR C 94 39.96 -35.09 -15.64
CA TYR C 94 38.66 -34.47 -15.48
C TYR C 94 38.81 -32.99 -15.14
N TYR C 95 38.06 -32.14 -15.83
CA TYR C 95 38.11 -30.70 -15.65
C TYR C 95 36.76 -30.17 -15.24
N CYS C 96 36.76 -29.26 -14.26
CA CYS C 96 35.55 -28.60 -13.78
C CYS C 96 35.44 -27.25 -14.44
N ALA C 97 34.35 -27.02 -15.16
CA ALA C 97 34.17 -25.79 -15.93
C ALA C 97 32.88 -25.11 -15.54
N LEU C 98 32.87 -23.78 -15.65
CA LEU C 98 31.71 -22.97 -15.31
C LEU C 98 31.37 -22.06 -16.49
N ARG C 99 30.08 -21.92 -16.76
CA ARG C 99 29.59 -21.10 -17.86
C ARG C 99 28.62 -20.06 -17.29
N THR C 100 29.01 -18.80 -17.34
CA THR C 100 28.18 -17.71 -16.85
C THR C 100 27.09 -17.37 -17.86
N ALA C 101 26.07 -16.66 -17.38
CA ALA C 101 24.95 -16.25 -18.21
C ALA C 101 25.10 -14.82 -18.72
N ARG C 102 26.30 -14.23 -18.58
CA ARG C 102 26.50 -12.85 -19.04
C ARG C 102 26.32 -12.74 -20.55
N ASP C 103 26.89 -13.67 -21.31
CA ASP C 103 26.82 -13.59 -22.76
C ASP C 103 25.43 -14.00 -23.26
N SER C 104 25.00 -15.22 -22.95
CA SER C 104 23.71 -15.71 -23.39
C SER C 104 23.19 -16.73 -22.39
N TYR C 105 21.87 -16.93 -22.40
CA TYR C 105 21.22 -17.92 -21.55
C TYR C 105 21.12 -19.29 -22.21
N TYR C 106 21.57 -19.42 -23.45
CA TYR C 106 21.50 -20.69 -24.15
C TYR C 106 22.44 -21.71 -23.52
N TYR C 107 22.02 -22.97 -23.55
CA TYR C 107 22.82 -24.08 -23.04
C TYR C 107 23.57 -24.72 -24.20
N THR C 108 24.88 -24.90 -24.03
CA THR C 108 25.71 -25.55 -25.03
C THR C 108 26.66 -26.52 -24.36
N ARG C 109 27.05 -27.54 -25.10
CA ARG C 109 28.02 -28.53 -24.63
C ARG C 109 29.42 -28.28 -25.17
N ASN C 110 29.62 -27.22 -25.94
CA ASN C 110 30.94 -26.93 -26.50
C ASN C 110 31.86 -26.41 -25.40
N PRO C 111 33.05 -26.99 -25.23
CA PRO C 111 33.98 -26.46 -24.22
C PRO C 111 34.45 -25.05 -24.50
N THR C 112 34.34 -24.58 -25.75
CA THR C 112 34.77 -23.21 -26.07
C THR C 112 33.90 -22.18 -25.36
N GLY C 113 32.60 -22.47 -25.21
CA GLY C 113 31.72 -21.52 -24.56
C GLY C 113 32.09 -21.26 -23.11
N TYR C 114 32.54 -22.30 -22.41
CA TYR C 114 32.93 -22.15 -21.02
C TYR C 114 34.17 -21.29 -20.90
N ASP C 115 34.17 -20.38 -19.92
CA ASP C 115 35.25 -19.42 -19.74
C ASP C 115 36.12 -19.69 -18.53
N TYR C 116 35.59 -20.35 -17.49
CA TYR C 116 36.33 -20.63 -16.28
C TYR C 116 36.71 -22.11 -16.26
N TRP C 117 37.99 -22.38 -16.01
CA TRP C 117 38.52 -23.73 -16.00
C TRP C 117 39.41 -23.93 -14.78
N GLY C 118 39.57 -25.19 -14.39
CA GLY C 118 40.41 -25.55 -13.27
C GLY C 118 41.43 -26.60 -13.65
N GLN C 119 42.41 -26.78 -12.77
CA GLN C 119 43.45 -27.76 -13.02
C GLN C 119 42.86 -29.17 -13.02
N GLY C 120 43.34 -30.00 -13.95
CA GLY C 120 42.84 -31.34 -14.07
C GLY C 120 43.28 -32.25 -12.95
N THR C 121 42.57 -33.36 -12.81
CA THR C 121 42.83 -34.36 -11.78
C THR C 121 42.92 -35.73 -12.40
N GLN C 122 43.64 -36.62 -11.73
CA GLN C 122 43.83 -38.00 -12.19
C GLN C 122 44.41 -38.06 -13.60
#